data_6NPC
#
_entry.id   6NPC
#
_cell.length_a   86.901
_cell.length_b   86.901
_cell.length_c   220.613
_cell.angle_alpha   90.000
_cell.angle_beta   90.000
_cell.angle_gamma   90.000
#
_symmetry.space_group_name_H-M   'P 41 21 2'
#
loop_
_entity.id
_entity.type
_entity.pdbx_description
1 polymer 'TmpA, 2-trimethylaminoethylphosphonate hydroxylase'
2 non-polymer 'FE (II) ION'
3 non-polymer '2-OXOGLUTARIC ACID'
4 non-polymer N,N,N-trimethyl-2-phosphonoethan-1-aminium
5 non-polymer 'SULFATE ION'
6 water water
#
_entity_poly.entity_id   1
_entity_poly.type   'polypeptide(L)'
_entity_poly.pdbx_seq_one_letter_code
;HHHHHHMPRSVTADASGSFLTLTFEDGSESRFHAIWLRDNALDPETRSPGNGQRLITIGDIPADTRISTALVDDGALTVT
FAPEGKTVTFPGKWLKSNAYDTDQSSEVGRTSPDVETWDSSQPAPAFDWNEVQSDPKAKRDWLDAIARLGFAKLVNGPVR
EGALIECASMFGFVRETNYGKYFEVRTEVNPTNLAYTGLGLQAHTDNPYRDPVPSLQILYCLENSAEGGDSIVVDGFRAA
ERLRDEDPEGFALLAGNPARFEYKGSDGVHLRARRPMIELSPDGEMIAIRFNNRSSAPFVDIPFEKMEAYYAAYRRLGEF
IDDPEMGVSFKLEPGESFIVDNTRVLHARLGYSGSGSRWLQGCYADKDGLFSTLNVLNAQLGG
;
_entity_poly.pdbx_strand_id   A,B
#
# COMPACT_ATOMS: atom_id res chain seq x y z
N HIS A 5 18.81 14.50 -30.20
CA HIS A 5 17.79 14.46 -29.10
C HIS A 5 18.29 13.58 -27.95
N HIS A 6 18.65 12.34 -28.26
CA HIS A 6 19.39 11.46 -27.34
C HIS A 6 20.84 11.24 -27.80
N MET A 7 21.28 12.02 -28.79
CA MET A 7 22.67 11.98 -29.29
C MET A 7 23.48 13.01 -28.49
N PRO A 8 24.48 12.56 -27.71
CA PRO A 8 25.31 13.51 -26.99
C PRO A 8 26.29 14.26 -27.92
N ARG A 9 26.36 15.58 -27.76
CA ARG A 9 27.24 16.43 -28.56
C ARG A 9 28.56 16.67 -27.83
N SER A 10 28.46 17.12 -26.58
CA SER A 10 29.62 17.48 -25.77
C SER A 10 29.32 17.34 -24.27
N VAL A 11 30.39 17.35 -23.48
CA VAL A 11 30.28 17.24 -22.02
C VAL A 11 31.27 18.19 -21.33
N THR A 12 30.83 18.78 -20.22
CA THR A 12 31.72 19.51 -19.31
C THR A 12 31.60 18.88 -17.93
N ALA A 13 32.67 19.02 -17.15
CA ALA A 13 32.70 18.52 -15.77
C ALA A 13 32.87 19.69 -14.83
N ASP A 14 32.17 19.65 -13.69
CA ASP A 14 32.30 20.69 -12.66
C ASP A 14 33.69 20.63 -12.01
N ALA A 15 34.15 21.77 -11.51
CA ALA A 15 35.45 21.89 -10.82
C ALA A 15 35.68 20.85 -9.72
N SER A 16 34.63 20.57 -8.95
CA SER A 16 34.71 19.61 -7.84
C SER A 16 34.80 18.16 -8.29
N GLY A 17 34.40 17.89 -9.54
CA GLY A 17 34.24 16.53 -10.02
C GLY A 17 32.95 15.89 -9.54
N SER A 18 32.05 16.68 -8.95
CA SER A 18 30.82 16.13 -8.33
C SER A 18 29.71 15.89 -9.35
N PHE A 19 29.75 16.58 -10.49
CA PHE A 19 28.81 16.32 -11.57
C PHE A 19 29.38 16.70 -12.93
N LEU A 20 28.72 16.23 -13.98
CA LEU A 20 29.01 16.64 -15.35
C LEU A 20 27.74 17.18 -16.00
N THR A 21 27.90 17.99 -17.05
CA THR A 21 26.78 18.53 -17.80
C THR A 21 26.88 18.00 -19.23
N LEU A 22 25.88 17.24 -19.64
CA LEU A 22 25.83 16.65 -20.97
C LEU A 22 24.95 17.51 -21.85
N THR A 23 25.48 17.95 -23.00
CA THR A 23 24.69 18.67 -24.01
C THR A 23 24.41 17.73 -25.18
N PHE A 24 23.13 17.61 -25.54
CA PHE A 24 22.69 16.74 -26.65
C PHE A 24 22.67 17.52 -27.97
N GLU A 25 22.51 16.80 -29.07
CA GLU A 25 22.57 17.41 -30.43
C GLU A 25 21.45 18.41 -30.74
N ASP A 26 20.33 18.32 -30.02
CA ASP A 26 19.22 19.29 -30.14
C ASP A 26 19.39 20.55 -29.27
N GLY A 27 20.54 20.68 -28.58
CA GLY A 27 20.81 21.83 -27.72
C GLY A 27 20.45 21.64 -26.26
N SER A 28 19.66 20.62 -25.94
CA SER A 28 19.22 20.37 -24.56
C SER A 28 20.38 19.91 -23.68
N GLU A 29 20.34 20.30 -22.41
CA GLU A 29 21.37 19.97 -21.43
C GLU A 29 20.79 19.12 -20.30
N SER A 30 21.59 18.20 -19.78
CA SER A 30 21.21 17.43 -18.59
C SER A 30 22.43 17.15 -17.72
N ARG A 31 22.34 17.52 -16.44
CA ARG A 31 23.43 17.31 -15.47
C ARG A 31 23.26 15.97 -14.76
N PHE A 32 24.38 15.28 -14.51
CA PHE A 32 24.42 13.99 -13.84
C PHE A 32 25.52 14.01 -12.79
N HIS A 33 25.19 13.65 -11.55
CA HIS A 33 26.17 13.59 -10.47
C HIS A 33 27.06 12.36 -10.62
N ALA A 34 28.31 12.52 -10.19
CA ALA A 34 29.28 11.42 -10.16
C ALA A 34 28.75 10.21 -9.40
N ILE A 35 28.21 10.45 -8.20
CA ILE A 35 27.72 9.37 -7.35
C ILE A 35 26.55 8.62 -8.01
N TRP A 36 25.64 9.36 -8.65
CA TRP A 36 24.49 8.76 -9.34
C TRP A 36 24.94 7.94 -10.53
N LEU A 37 25.87 8.48 -11.33
CA LEU A 37 26.41 7.73 -12.47
C LEU A 37 27.14 6.45 -12.04
N ARG A 38 27.98 6.55 -11.02
CA ARG A 38 28.71 5.38 -10.52
C ARG A 38 27.74 4.29 -10.02
N ASP A 39 26.71 4.72 -9.29
CA ASP A 39 25.75 3.80 -8.71
C ASP A 39 24.90 3.11 -9.79
N ASN A 40 24.76 3.76 -10.95
CA ASN A 40 23.99 3.25 -12.07
C ASN A 40 24.81 2.64 -13.20
N ALA A 41 26.10 2.39 -12.96
CA ALA A 41 26.96 1.75 -13.97
C ALA A 41 26.36 0.41 -14.39
N LEU A 42 26.43 0.11 -15.68
CA LEU A 42 25.71 -1.02 -16.28
C LEU A 42 26.63 -2.21 -16.57
N ASP A 43 27.90 -2.09 -16.18
CA ASP A 43 28.91 -3.11 -16.49
C ASP A 43 28.72 -4.38 -15.64
N PRO A 44 29.32 -5.52 -16.05
CA PRO A 44 29.17 -6.79 -15.30
C PRO A 44 29.62 -6.82 -13.83
N GLU A 45 30.45 -5.88 -13.39
CA GLU A 45 30.84 -5.80 -11.97
C GLU A 45 29.91 -4.91 -11.13
N THR A 46 28.98 -4.22 -11.78
CA THR A 46 27.94 -3.44 -11.07
C THR A 46 26.54 -4.05 -11.22
N ARG A 47 26.23 -4.56 -12.41
CA ARG A 47 24.92 -5.15 -12.72
C ARG A 47 25.12 -6.55 -13.30
N SER A 48 24.38 -7.54 -12.79
CA SER A 48 24.46 -8.91 -13.31
C SER A 48 24.03 -8.95 -14.80
N PRO A 49 24.80 -9.64 -15.66
CA PRO A 49 24.33 -9.87 -17.04
C PRO A 49 23.08 -10.77 -17.12
N GLY A 50 22.95 -11.71 -16.18
CA GLY A 50 21.85 -12.68 -16.18
C GLY A 50 20.48 -12.10 -15.89
N ASN A 51 20.37 -11.35 -14.80
CA ASN A 51 19.09 -10.74 -14.37
C ASN A 51 19.07 -9.21 -14.18
N GLY A 52 20.20 -8.53 -14.39
CA GLY A 52 20.27 -7.07 -14.22
C GLY A 52 20.23 -6.57 -12.80
N GLN A 53 20.40 -7.44 -11.81
CA GLN A 53 20.37 -7.03 -10.41
C GLN A 53 21.69 -6.37 -10.02
N ARG A 54 21.58 -5.40 -9.12
CA ARG A 54 22.72 -4.59 -8.68
C ARG A 54 23.61 -5.43 -7.76
N LEU A 55 24.92 -5.37 -8.01
CA LEU A 55 25.92 -6.22 -7.34
C LEU A 55 26.69 -5.51 -6.22
N ILE A 56 26.44 -4.21 -6.05
CA ILE A 56 27.09 -3.38 -5.03
C ILE A 56 26.05 -2.85 -4.05
N THR A 57 26.53 -2.44 -2.87
CA THR A 57 25.73 -1.65 -1.95
C THR A 57 26.17 -0.19 -2.06
N ILE A 58 25.36 0.71 -1.52
CA ILE A 58 25.73 2.12 -1.45
C ILE A 58 27.05 2.31 -0.68
N GLY A 59 27.26 1.52 0.37
CA GLY A 59 28.49 1.55 1.15
C GLY A 59 29.75 1.17 0.37
N ASP A 60 29.60 0.32 -0.65
CA ASP A 60 30.73 -0.09 -1.49
C ASP A 60 31.31 1.04 -2.37
N ILE A 61 30.51 2.05 -2.66
CA ILE A 61 30.97 3.19 -3.47
C ILE A 61 31.74 4.14 -2.56
N PRO A 62 32.99 4.50 -2.93
CA PRO A 62 33.73 5.47 -2.10
C PRO A 62 32.97 6.79 -1.92
N ALA A 63 32.94 7.30 -0.68
CA ALA A 63 32.21 8.52 -0.34
C ALA A 63 32.66 9.74 -1.16
N ASP A 64 33.95 9.79 -1.50
CA ASP A 64 34.51 10.90 -2.30
C ASP A 64 34.55 10.59 -3.81
N THR A 65 33.69 9.68 -4.28
CA THR A 65 33.61 9.35 -5.69
C THR A 65 33.34 10.61 -6.50
N ARG A 66 34.09 10.75 -7.58
CA ARG A 66 34.11 11.96 -8.38
C ARG A 66 34.49 11.62 -9.81
N ILE A 67 34.17 12.51 -10.74
CA ILE A 67 34.49 12.33 -12.15
C ILE A 67 35.92 12.82 -12.36
N SER A 68 36.82 11.90 -12.74
CA SER A 68 38.22 12.26 -13.06
C SER A 68 38.32 12.68 -14.53
N THR A 69 37.61 11.98 -15.40
CA THR A 69 37.49 12.39 -16.81
C THR A 69 36.17 11.91 -17.41
N ALA A 70 35.65 12.70 -18.35
CA ALA A 70 34.44 12.34 -19.09
C ALA A 70 34.61 12.76 -20.54
N LEU A 71 34.17 11.90 -21.46
CA LEU A 71 34.21 12.20 -22.89
C LEU A 71 32.97 11.66 -23.61
N VAL A 72 32.60 12.35 -24.69
CA VAL A 72 31.52 11.91 -25.57
C VAL A 72 32.12 11.24 -26.81
N ASP A 73 31.59 10.08 -27.18
CA ASP A 73 32.10 9.31 -28.32
C ASP A 73 31.08 8.26 -28.79
N ASP A 74 30.87 8.19 -30.11
CA ASP A 74 29.95 7.22 -30.74
C ASP A 74 28.56 7.19 -30.09
N GLY A 75 28.00 8.39 -29.88
CA GLY A 75 26.69 8.54 -29.26
C GLY A 75 26.58 8.07 -27.81
N ALA A 76 27.70 8.08 -27.09
CA ALA A 76 27.77 7.58 -25.72
C ALA A 76 28.68 8.44 -24.86
N LEU A 77 28.47 8.36 -23.55
CA LEU A 77 29.30 9.03 -22.56
C LEU A 77 30.19 7.99 -21.90
N THR A 78 31.50 8.23 -21.92
CA THR A 78 32.48 7.40 -21.22
C THR A 78 33.03 8.23 -20.06
N VAL A 79 32.95 7.67 -18.85
CA VAL A 79 33.32 8.38 -17.62
C VAL A 79 34.24 7.51 -16.80
N THR A 80 35.31 8.10 -16.27
CA THR A 80 36.16 7.43 -15.29
C THR A 80 35.90 8.05 -13.92
N PHE A 81 35.79 7.18 -12.91
CA PHE A 81 35.59 7.59 -11.53
C PHE A 81 36.85 7.38 -10.72
N ALA A 82 37.22 8.40 -9.95
CA ALA A 82 38.18 8.27 -8.87
C ALA A 82 37.39 8.18 -7.57
N PRO A 83 37.85 7.46 -6.54
CA PRO A 83 39.18 6.83 -6.48
C PRO A 83 39.29 5.39 -7.04
N GLU A 84 38.18 4.79 -7.47
CA GLU A 84 38.22 3.42 -7.99
C GLU A 84 39.04 3.26 -9.27
N GLY A 85 39.19 4.34 -10.05
CA GLY A 85 39.82 4.25 -11.36
C GLY A 85 39.01 3.36 -12.28
N LYS A 86 37.69 3.49 -12.20
CA LYS A 86 36.77 2.63 -12.95
C LYS A 86 36.19 3.42 -14.10
N THR A 87 36.29 2.87 -15.30
CA THR A 87 35.74 3.50 -16.49
C THR A 87 34.51 2.73 -16.96
N VAL A 88 33.44 3.47 -17.24
CA VAL A 88 32.19 2.89 -17.73
C VAL A 88 31.65 3.74 -18.85
N THR A 89 30.78 3.14 -19.66
CA THR A 89 30.15 3.82 -20.78
C THR A 89 28.63 3.76 -20.64
N PHE A 90 27.97 4.90 -20.84
CA PHE A 90 26.51 5.01 -20.84
C PHE A 90 26.03 5.42 -22.23
N PRO A 91 25.19 4.60 -22.87
CA PRO A 91 24.58 5.01 -24.15
C PRO A 91 23.75 6.29 -24.00
N GLY A 92 23.76 7.12 -25.04
CA GLY A 92 22.98 8.36 -25.06
C GLY A 92 21.50 8.15 -24.78
N LYS A 93 20.94 7.08 -25.34
CA LYS A 93 19.53 6.72 -25.16
C LYS A 93 19.20 6.45 -23.69
N TRP A 94 20.10 5.73 -23.01
CA TRP A 94 19.95 5.44 -21.59
C TRP A 94 19.99 6.72 -20.75
N LEU A 95 20.94 7.60 -21.04
CA LEU A 95 21.09 8.86 -20.30
C LEU A 95 19.84 9.73 -20.41
N LYS A 96 19.29 9.84 -21.61
CA LYS A 96 18.06 10.59 -21.87
C LYS A 96 16.87 9.99 -21.13
N SER A 97 16.71 8.67 -21.23
CA SER A 97 15.59 7.97 -20.59
C SER A 97 15.62 7.99 -19.07
N ASN A 98 16.82 8.02 -18.49
CA ASN A 98 17.00 7.96 -17.04
C ASN A 98 17.47 9.29 -16.40
N ALA A 99 17.39 10.39 -17.16
CA ALA A 99 17.74 11.70 -16.64
C ALA A 99 16.84 12.10 -15.48
N TYR A 100 17.44 12.76 -14.49
CA TYR A 100 16.69 13.37 -13.38
C TYR A 100 16.73 14.90 -13.38
N ASP A 101 17.68 15.50 -14.09
CA ASP A 101 17.76 16.95 -14.25
C ASP A 101 16.85 17.32 -15.41
N THR A 102 15.54 17.28 -15.16
CA THR A 102 14.51 17.45 -16.19
C THR A 102 13.47 18.52 -15.85
N ASP A 103 13.67 19.25 -14.74
CA ASP A 103 12.66 20.16 -14.19
C ASP A 103 11.34 19.41 -13.98
N GLN A 104 11.38 18.42 -13.08
CA GLN A 104 10.21 17.58 -12.80
C GLN A 104 9.09 18.46 -12.27
N SER A 105 7.88 18.19 -12.73
CA SER A 105 6.70 18.89 -12.22
C SER A 105 6.57 18.63 -10.73
N SER A 106 6.28 19.69 -9.97
CA SER A 106 5.95 19.58 -8.56
C SER A 106 4.49 19.97 -8.32
N GLU A 107 3.65 19.84 -9.36
CA GLU A 107 2.22 20.12 -9.23
C GLU A 107 1.65 19.11 -8.26
N VAL A 108 1.07 19.59 -7.17
CA VAL A 108 0.50 18.70 -6.15
C VAL A 108 -0.78 18.11 -6.70
N GLY A 109 -0.93 16.79 -6.58
CA GLY A 109 -2.09 16.10 -7.09
C GLY A 109 -2.06 15.81 -8.58
N ARG A 110 -0.92 16.01 -9.23
CA ARG A 110 -0.76 15.57 -10.62
C ARG A 110 -0.84 14.05 -10.68
N THR A 111 -1.30 13.53 -11.81
CA THR A 111 -1.30 12.10 -12.06
C THR A 111 0.02 11.69 -12.71
N SER A 112 0.35 10.41 -12.57
CA SER A 112 1.50 9.82 -13.26
C SER A 112 1.38 10.02 -14.76
N PRO A 113 2.53 10.17 -15.46
CA PRO A 113 2.46 10.26 -16.93
C PRO A 113 1.85 9.01 -17.61
N ASP A 114 1.91 7.86 -16.92
CA ASP A 114 1.42 6.58 -17.46
C ASP A 114 -0.10 6.35 -17.32
N VAL A 115 -0.84 7.32 -16.79
CA VAL A 115 -2.31 7.18 -16.69
C VAL A 115 -3.06 8.31 -17.40
N GLU A 116 -4.29 8.00 -17.80
CA GLU A 116 -5.13 8.92 -18.56
C GLU A 116 -6.51 8.91 -17.92
N THR A 117 -6.93 10.08 -17.41
CA THR A 117 -8.19 10.19 -16.68
C THR A 117 -9.38 10.35 -17.63
N TRP A 118 -10.58 10.12 -17.11
CA TRP A 118 -11.79 10.10 -17.94
C TRP A 118 -13.06 10.36 -17.13
N ASP A 119 -14.14 10.64 -17.87
CA ASP A 119 -15.48 10.81 -17.29
C ASP A 119 -16.52 10.08 -18.18
N SER A 120 -17.80 10.44 -18.08
CA SER A 120 -18.86 9.75 -18.83
C SER A 120 -18.82 9.93 -20.35
N SER A 121 -18.02 10.87 -20.85
CA SER A 121 -17.93 11.12 -22.30
C SER A 121 -17.17 10.02 -23.06
N GLN A 122 -16.35 9.22 -22.37
CA GLN A 122 -15.66 8.09 -23.00
C GLN A 122 -16.44 6.80 -22.75
N PRO A 123 -16.96 6.14 -23.82
CA PRO A 123 -17.55 4.81 -23.64
C PRO A 123 -16.57 3.82 -23.05
N ALA A 124 -17.08 2.83 -22.31
CA ALA A 124 -16.25 1.82 -21.65
C ALA A 124 -15.43 1.05 -22.68
N PRO A 125 -14.10 0.93 -22.45
CA PRO A 125 -13.31 0.07 -23.34
C PRO A 125 -13.68 -1.39 -23.13
N ALA A 126 -13.83 -2.13 -24.23
CA ALA A 126 -14.23 -3.54 -24.16
C ALA A 126 -13.29 -4.42 -24.96
N PHE A 127 -12.99 -5.59 -24.40
CA PHE A 127 -12.15 -6.62 -25.02
C PHE A 127 -12.87 -7.97 -24.99
N ASP A 128 -12.43 -8.90 -25.84
CA ASP A 128 -13.10 -10.18 -26.04
C ASP A 128 -12.39 -11.30 -25.25
N TRP A 129 -13.17 -12.09 -24.52
CA TRP A 129 -12.68 -13.21 -23.70
C TRP A 129 -11.79 -14.17 -24.48
N ASN A 130 -12.29 -14.64 -25.63
CA ASN A 130 -11.56 -15.60 -26.45
C ASN A 130 -10.29 -15.00 -27.06
N GLU A 131 -10.37 -13.75 -27.50
CA GLU A 131 -9.23 -13.06 -28.10
C GLU A 131 -8.06 -12.85 -27.12
N VAL A 132 -8.35 -12.37 -25.91
CA VAL A 132 -7.27 -12.13 -24.93
C VAL A 132 -6.56 -13.40 -24.45
N GLN A 133 -7.25 -14.53 -24.44
CA GLN A 133 -6.58 -15.79 -24.04
C GLN A 133 -5.91 -16.51 -25.22
N SER A 134 -6.32 -16.22 -26.46
CA SER A 134 -5.72 -16.84 -27.65
C SER A 134 -4.79 -15.95 -28.51
N ASP A 135 -4.92 -14.63 -28.40
CA ASP A 135 -4.10 -13.65 -29.16
C ASP A 135 -3.27 -12.79 -28.18
N PRO A 136 -1.93 -12.92 -28.21
CA PRO A 136 -1.05 -12.10 -27.35
C PRO A 136 -1.16 -10.58 -27.54
N LYS A 137 -1.45 -10.13 -28.76
CA LYS A 137 -1.68 -8.70 -29.03
C LYS A 137 -2.90 -8.19 -28.29
N ALA A 138 -3.97 -8.96 -28.33
CA ALA A 138 -5.23 -8.60 -27.66
C ALA A 138 -5.06 -8.62 -26.15
N LYS A 139 -4.32 -9.61 -25.64
CA LYS A 139 -3.98 -9.67 -24.22
C LYS A 139 -3.21 -8.44 -23.76
N ARG A 140 -2.16 -8.09 -24.50
CA ARG A 140 -1.37 -6.88 -24.24
C ARG A 140 -2.25 -5.64 -24.20
N ASP A 141 -3.08 -5.47 -25.23
CA ASP A 141 -3.93 -4.28 -25.35
C ASP A 141 -4.94 -4.19 -24.20
N TRP A 142 -5.53 -5.32 -23.85
CA TRP A 142 -6.46 -5.43 -22.70
C TRP A 142 -5.79 -5.01 -21.39
N LEU A 143 -4.66 -5.65 -21.07
CA LEU A 143 -3.95 -5.35 -19.83
C LEU A 143 -3.43 -3.92 -19.80
N ASP A 144 -2.95 -3.44 -20.94
CA ASP A 144 -2.45 -2.06 -21.04
C ASP A 144 -3.57 -1.03 -20.85
N ALA A 145 -4.78 -1.36 -21.29
CA ALA A 145 -5.95 -0.50 -21.06
C ALA A 145 -6.27 -0.41 -19.58
N ILE A 146 -6.19 -1.54 -18.87
CA ILE A 146 -6.37 -1.55 -17.40
C ILE A 146 -5.27 -0.70 -16.75
N ALA A 147 -4.03 -0.83 -17.21
CA ALA A 147 -2.92 -0.06 -16.66
C ALA A 147 -3.08 1.45 -16.84
N ARG A 148 -3.40 1.87 -18.06
CA ARG A 148 -3.53 3.28 -18.43
C ARG A 148 -4.82 3.92 -17.92
N LEU A 149 -5.94 3.23 -18.15
CA LEU A 149 -7.28 3.79 -17.90
C LEU A 149 -7.88 3.34 -16.57
N GLY A 150 -7.31 2.30 -15.95
CA GLY A 150 -7.80 1.80 -14.67
C GLY A 150 -9.05 0.93 -14.75
N PHE A 151 -9.50 0.61 -15.96
CA PHE A 151 -10.79 -0.06 -16.15
C PHE A 151 -10.89 -0.65 -17.55
N ALA A 152 -11.43 -1.86 -17.64
CA ALA A 152 -11.79 -2.45 -18.93
C ALA A 152 -12.87 -3.51 -18.75
N LYS A 153 -13.76 -3.61 -19.74
CA LYS A 153 -14.75 -4.67 -19.81
C LYS A 153 -14.16 -5.84 -20.58
N LEU A 154 -14.53 -7.06 -20.19
CA LEU A 154 -14.20 -8.27 -20.91
C LEU A 154 -15.51 -8.96 -21.22
N VAL A 155 -15.84 -9.06 -22.50
CA VAL A 155 -17.16 -9.51 -22.93
C VAL A 155 -17.05 -10.83 -23.69
N ASN A 156 -18.21 -11.41 -24.01
CA ASN A 156 -18.31 -12.70 -24.71
C ASN A 156 -17.61 -13.84 -23.96
N GLY A 157 -17.67 -13.80 -22.63
CA GLY A 157 -17.09 -14.85 -21.79
C GLY A 157 -18.09 -15.94 -21.47
N PRO A 158 -17.61 -17.04 -20.85
CA PRO A 158 -18.48 -18.16 -20.50
C PRO A 158 -19.40 -17.87 -19.30
N VAL A 159 -20.62 -18.39 -19.36
CA VAL A 159 -21.55 -18.33 -18.22
C VAL A 159 -21.24 -19.55 -17.36
N ARG A 160 -20.16 -19.44 -16.59
CA ARG A 160 -19.62 -20.55 -15.80
C ARG A 160 -19.16 -20.04 -14.45
N GLU A 161 -19.59 -20.72 -13.38
CA GLU A 161 -19.14 -20.40 -12.02
C GLU A 161 -17.62 -20.47 -11.93
N GLY A 162 -17.04 -19.48 -11.25
CA GLY A 162 -15.60 -19.43 -11.04
C GLY A 162 -14.76 -19.01 -12.24
N ALA A 163 -15.41 -18.59 -13.33
CA ALA A 163 -14.69 -18.14 -14.53
C ALA A 163 -13.81 -16.92 -14.25
N LEU A 164 -14.20 -16.09 -13.29
CA LEU A 164 -13.37 -14.95 -12.89
C LEU A 164 -11.96 -15.34 -12.40
N ILE A 165 -11.81 -16.55 -11.82
CA ILE A 165 -10.49 -17.03 -11.38
C ILE A 165 -9.60 -17.34 -12.58
N GLU A 166 -10.19 -17.93 -13.63
CA GLU A 166 -9.48 -18.14 -14.88
C GLU A 166 -9.05 -16.80 -15.49
N CYS A 167 -9.92 -15.79 -15.40
CA CYS A 167 -9.58 -14.43 -15.83
C CYS A 167 -8.38 -13.89 -15.05
N ALA A 168 -8.42 -14.01 -13.73
CA ALA A 168 -7.30 -13.56 -12.88
C ALA A 168 -6.01 -14.27 -13.29
N SER A 169 -6.09 -15.57 -13.57
CA SER A 169 -4.93 -16.36 -13.95
C SER A 169 -4.32 -16.00 -15.30
N MET A 170 -5.07 -15.31 -16.16
CA MET A 170 -4.53 -14.81 -17.42
C MET A 170 -3.38 -13.82 -17.22
N PHE A 171 -3.36 -13.08 -16.11
CA PHE A 171 -2.31 -12.08 -15.88
C PHE A 171 -1.61 -12.09 -14.52
N GLY A 172 -2.19 -12.74 -13.51
CA GLY A 172 -1.67 -12.59 -12.16
C GLY A 172 -2.25 -13.58 -11.19
N PHE A 173 -2.46 -13.13 -9.94
CA PHE A 173 -2.78 -14.00 -8.83
C PHE A 173 -3.84 -13.41 -7.92
N VAL A 174 -4.68 -14.28 -7.40
CA VAL A 174 -5.80 -13.88 -6.57
C VAL A 174 -5.29 -13.48 -5.18
N ARG A 175 -5.72 -12.32 -4.71
CA ARG A 175 -5.54 -11.93 -3.31
C ARG A 175 -6.72 -12.56 -2.56
N GLU A 176 -6.45 -13.66 -1.89
CA GLU A 176 -7.48 -14.36 -1.09
C GLU A 176 -7.65 -13.60 0.21
N THR A 177 -8.88 -13.44 0.66
CA THR A 177 -9.17 -12.69 1.89
C THR A 177 -10.19 -13.44 2.73
N ASN A 178 -10.55 -12.83 3.86
CA ASN A 178 -11.70 -13.27 4.67
C ASN A 178 -12.96 -13.55 3.85
N TYR A 179 -13.14 -12.81 2.75
CA TYR A 179 -14.32 -12.94 1.89
C TYR A 179 -14.31 -14.17 0.98
N GLY A 180 -13.15 -14.84 0.88
CA GLY A 180 -12.99 -16.07 0.11
C GLY A 180 -11.93 -15.91 -0.96
N LYS A 181 -11.71 -16.98 -1.73
CA LYS A 181 -10.90 -16.87 -2.94
C LYS A 181 -11.65 -15.99 -3.94
N TYR A 182 -12.93 -16.28 -4.09
CA TYR A 182 -13.87 -15.35 -4.71
C TYR A 182 -15.15 -15.34 -3.88
N PHE A 183 -15.96 -14.31 -4.09
CA PHE A 183 -17.19 -14.12 -3.33
C PHE A 183 -18.40 -14.01 -4.25
N GLU A 184 -19.56 -14.41 -3.71
CA GLU A 184 -20.81 -14.42 -4.44
C GLU A 184 -21.54 -13.10 -4.20
N VAL A 185 -21.68 -12.30 -5.25
CA VAL A 185 -22.39 -11.02 -5.18
C VAL A 185 -23.85 -11.25 -5.54
N ARG A 186 -24.65 -11.48 -4.50
CA ARG A 186 -26.07 -11.74 -4.63
C ARG A 186 -26.72 -11.40 -3.29
N THR A 187 -28.04 -11.32 -3.27
CA THR A 187 -28.75 -11.00 -2.02
C THR A 187 -28.61 -12.20 -1.07
N GLU A 188 -28.19 -11.93 0.16
CA GLU A 188 -28.05 -12.96 1.20
C GLU A 188 -28.88 -12.57 2.41
N VAL A 189 -29.49 -13.55 3.07
CA VAL A 189 -30.14 -13.29 4.36
C VAL A 189 -29.04 -13.11 5.40
N ASN A 190 -29.26 -12.23 6.37
CA ASN A 190 -28.22 -11.86 7.35
C ASN A 190 -26.92 -11.45 6.63
N PRO A 191 -27.01 -10.47 5.71
CA PRO A 191 -25.85 -10.11 4.91
C PRO A 191 -24.68 -9.60 5.76
N THR A 192 -23.47 -10.05 5.44
CA THR A 192 -22.26 -9.60 6.13
C THR A 192 -21.76 -8.25 5.60
N ASN A 193 -22.35 -7.80 4.50
CA ASN A 193 -21.94 -6.61 3.80
C ASN A 193 -23.11 -6.19 2.90
N LEU A 194 -23.32 -4.88 2.75
CA LEU A 194 -24.39 -4.37 1.89
C LEU A 194 -24.24 -4.71 0.41
N ALA A 195 -23.03 -5.09 -0.03
CA ALA A 195 -22.85 -5.70 -1.35
C ALA A 195 -23.77 -6.90 -1.56
N TYR A 196 -24.04 -7.64 -0.48
CA TYR A 196 -24.87 -8.84 -0.54
C TYR A 196 -26.36 -8.56 -0.24
N THR A 197 -26.89 -7.53 -0.87
CA THR A 197 -28.29 -7.11 -0.73
C THR A 197 -28.77 -6.59 -2.09
N GLY A 198 -30.05 -6.23 -2.16
CA GLY A 198 -30.60 -5.56 -3.33
C GLY A 198 -30.43 -4.05 -3.37
N LEU A 199 -29.75 -3.49 -2.37
CA LEU A 199 -29.57 -2.02 -2.26
C LEU A 199 -28.61 -1.50 -3.33
N GLY A 200 -28.85 -0.27 -3.77
CA GLY A 200 -27.86 0.46 -4.56
C GLY A 200 -26.66 0.77 -3.68
N LEU A 201 -25.48 0.81 -4.30
CA LEU A 201 -24.23 1.15 -3.63
C LEU A 201 -23.67 2.39 -4.26
N GLN A 202 -23.30 3.37 -3.43
CA GLN A 202 -22.54 4.52 -3.90
C GLN A 202 -21.23 4.03 -4.49
N ALA A 203 -20.72 4.75 -5.49
CA ALA A 203 -19.38 4.46 -6.02
C ALA A 203 -18.36 4.41 -4.90
N HIS A 204 -17.50 3.41 -4.95
CA HIS A 204 -16.53 3.17 -3.91
C HIS A 204 -15.36 2.37 -4.42
N THR A 205 -14.26 2.42 -3.67
CA THR A 205 -13.19 1.44 -3.78
C THR A 205 -13.44 0.38 -2.73
N ASP A 206 -13.13 -0.87 -3.04
CA ASP A 206 -13.32 -1.96 -2.08
C ASP A 206 -12.23 -1.99 -1.02
N ASN A 207 -12.66 -2.36 0.19
CA ASN A 207 -11.75 -2.69 1.28
C ASN A 207 -10.74 -1.57 1.65
N PRO A 208 -11.19 -0.30 1.79
CA PRO A 208 -10.24 0.70 2.29
C PRO A 208 -9.78 0.42 3.74
N TYR A 209 -10.54 -0.42 4.44
CA TYR A 209 -10.20 -0.97 5.76
C TYR A 209 -9.09 -2.02 5.76
N ARG A 210 -8.67 -2.47 4.57
CA ARG A 210 -7.59 -3.43 4.40
C ARG A 210 -6.32 -2.70 3.99
N ASP A 211 -5.24 -2.94 4.73
CA ASP A 211 -3.94 -2.38 4.43
C ASP A 211 -2.94 -3.55 4.45
N PRO A 212 -2.45 -4.03 3.30
CA PRO A 212 -2.56 -3.39 1.98
C PRO A 212 -3.91 -3.56 1.28
N VAL A 213 -4.39 -2.49 0.65
CA VAL A 213 -5.64 -2.52 -0.11
C VAL A 213 -5.50 -3.48 -1.31
N PRO A 214 -6.55 -4.25 -1.63
CA PRO A 214 -6.50 -5.03 -2.87
C PRO A 214 -6.36 -4.08 -4.06
N SER A 215 -5.42 -4.35 -4.97
CA SER A 215 -5.10 -3.37 -6.01
C SER A 215 -5.90 -3.54 -7.31
N LEU A 216 -6.45 -4.75 -7.54
CA LEU A 216 -7.39 -4.99 -8.64
C LEU A 216 -8.63 -5.72 -8.13
N GLN A 217 -9.78 -5.43 -8.74
CA GLN A 217 -11.00 -6.22 -8.51
C GLN A 217 -11.62 -6.64 -9.82
N ILE A 218 -12.09 -7.89 -9.85
CA ILE A 218 -12.83 -8.45 -10.98
C ILE A 218 -14.27 -8.65 -10.54
N LEU A 219 -15.22 -8.18 -11.34
CA LEU A 219 -16.65 -8.45 -11.14
C LEU A 219 -17.19 -9.10 -12.40
N TYR A 220 -17.84 -10.25 -12.23
CA TYR A 220 -18.19 -11.16 -13.32
C TYR A 220 -19.66 -11.52 -13.22
N CYS A 221 -20.42 -11.34 -14.31
CA CYS A 221 -21.85 -11.56 -14.30
C CYS A 221 -22.21 -12.98 -14.74
N LEU A 222 -23.01 -13.66 -13.92
CA LEU A 222 -23.63 -14.93 -14.29
C LEU A 222 -25.12 -14.73 -14.63
N GLU A 223 -25.82 -13.97 -13.80
CA GLU A 223 -27.22 -13.57 -14.06
C GLU A 223 -27.42 -12.08 -13.74
N ASN A 224 -28.24 -11.40 -14.54
CA ASN A 224 -28.58 -9.99 -14.30
C ASN A 224 -29.98 -9.68 -14.89
N SER A 225 -30.94 -10.55 -14.57
CA SER A 225 -32.27 -10.50 -15.18
C SER A 225 -33.29 -9.65 -14.43
N ALA A 226 -32.96 -9.19 -13.22
CA ALA A 226 -33.84 -8.31 -12.46
C ALA A 226 -33.77 -6.88 -13.01
N GLU A 227 -34.81 -6.09 -12.72
CA GLU A 227 -34.82 -4.67 -13.09
C GLU A 227 -33.78 -3.93 -12.26
N GLY A 228 -33.00 -3.06 -12.91
CA GLY A 228 -31.89 -2.37 -12.25
C GLY A 228 -30.62 -3.20 -12.25
N GLY A 229 -29.75 -2.97 -11.27
CA GLY A 229 -28.49 -3.69 -11.18
C GLY A 229 -27.42 -3.26 -12.17
N ASP A 230 -27.57 -2.06 -12.73
CA ASP A 230 -26.58 -1.52 -13.68
C ASP A 230 -25.29 -1.24 -12.93
N SER A 231 -24.16 -1.42 -13.62
CA SER A 231 -22.84 -1.12 -13.07
C SER A 231 -22.45 0.28 -13.48
N ILE A 232 -21.75 0.99 -12.59
CA ILE A 232 -21.21 2.32 -12.90
C ILE A 232 -19.78 2.37 -12.37
N VAL A 233 -18.88 2.95 -13.18
CA VAL A 233 -17.50 3.17 -12.75
C VAL A 233 -17.16 4.67 -12.85
N VAL A 234 -16.37 5.13 -11.88
CA VAL A 234 -15.98 6.53 -11.77
C VAL A 234 -14.48 6.59 -11.57
N ASP A 235 -13.80 7.43 -12.34
CA ASP A 235 -12.36 7.58 -12.21
C ASP A 235 -12.07 8.47 -11.00
N GLY A 236 -11.62 7.85 -9.92
CA GLY A 236 -11.27 8.59 -8.70
C GLY A 236 -10.20 9.65 -8.90
N PHE A 237 -9.25 9.39 -9.81
CA PHE A 237 -8.26 10.41 -10.15
C PHE A 237 -8.89 11.61 -10.85
N ARG A 238 -9.90 11.40 -11.70
CA ARG A 238 -10.60 12.53 -12.30
C ARG A 238 -11.36 13.33 -11.24
N ALA A 239 -12.04 12.64 -10.32
CA ALA A 239 -12.73 13.32 -9.21
C ALA A 239 -11.76 14.14 -8.36
N ALA A 240 -10.62 13.54 -8.03
CA ALA A 240 -9.59 14.20 -7.25
C ALA A 240 -9.00 15.41 -7.98
N GLU A 241 -8.79 15.27 -9.29
CA GLU A 241 -8.35 16.38 -10.15
C GLU A 241 -9.32 17.55 -10.11
N ARG A 242 -10.61 17.26 -10.16
CA ARG A 242 -11.64 18.31 -10.14
C ARG A 242 -11.61 19.06 -8.81
N LEU A 243 -11.45 18.33 -7.71
CA LEU A 243 -11.33 18.96 -6.39
C LEU A 243 -10.06 19.79 -6.27
N ARG A 244 -8.95 19.24 -6.75
CA ARG A 244 -7.64 19.93 -6.78
C ARG A 244 -7.75 21.29 -7.47
N ASP A 245 -8.38 21.28 -8.65
CA ASP A 245 -8.51 22.50 -9.49
C ASP A 245 -9.48 23.53 -8.92
N GLU A 246 -10.63 23.05 -8.42
CA GLU A 246 -11.64 23.92 -7.85
C GLU A 246 -11.27 24.45 -6.46
N ASP A 247 -10.70 23.59 -5.62
CA ASP A 247 -10.56 23.87 -4.19
C ASP A 247 -9.26 23.27 -3.66
N PRO A 248 -8.11 23.94 -3.91
CA PRO A 248 -6.81 23.49 -3.43
C PRO A 248 -6.77 23.19 -1.93
N GLU A 249 -7.42 24.02 -1.12
CA GLU A 249 -7.42 23.82 0.33
C GLU A 249 -8.17 22.54 0.70
N GLY A 250 -9.32 22.31 0.08
CA GLY A 250 -10.12 21.10 0.30
C GLY A 250 -9.37 19.85 -0.11
N PHE A 251 -8.73 19.90 -1.27
CA PHE A 251 -7.87 18.82 -1.74
C PHE A 251 -6.74 18.51 -0.76
N ALA A 252 -6.09 19.55 -0.27
CA ALA A 252 -5.01 19.42 0.71
C ALA A 252 -5.47 18.76 2.02
N LEU A 253 -6.69 19.11 2.46
CA LEU A 253 -7.25 18.48 3.66
C LEU A 253 -7.43 16.97 3.49
N LEU A 254 -7.97 16.55 2.35
CA LEU A 254 -8.22 15.12 2.11
C LEU A 254 -6.93 14.34 1.83
N ALA A 255 -5.93 14.99 1.26
CA ALA A 255 -4.63 14.37 1.02
C ALA A 255 -3.72 14.39 2.23
N GLY A 256 -3.90 15.36 3.12
CA GLY A 256 -2.97 15.61 4.23
C GLY A 256 -3.33 15.11 5.61
N ASN A 257 -4.53 14.54 5.75
CA ASN A 257 -5.00 13.98 7.02
C ASN A 257 -5.43 12.54 6.79
N PRO A 258 -5.10 11.62 7.70
CA PRO A 258 -5.64 10.27 7.54
C PRO A 258 -7.13 10.21 7.84
N ALA A 259 -7.84 9.35 7.11
CA ALA A 259 -9.16 8.90 7.51
C ALA A 259 -9.00 7.54 8.18
N ARG A 260 -10.12 7.02 8.69
CA ARG A 260 -10.16 5.70 9.31
C ARG A 260 -11.20 4.86 8.59
N PHE A 261 -10.91 3.58 8.43
CA PHE A 261 -11.84 2.65 7.82
C PHE A 261 -11.91 1.40 8.68
N GLU A 262 -13.10 0.79 8.77
CA GLU A 262 -13.30 -0.34 9.65
C GLU A 262 -14.37 -1.28 9.09
N TYR A 263 -14.09 -2.58 9.09
CA TYR A 263 -15.08 -3.59 8.76
C TYR A 263 -15.11 -4.64 9.86
N LYS A 264 -16.31 -4.89 10.39
CA LYS A 264 -16.53 -5.88 11.44
C LYS A 264 -17.90 -6.52 11.20
N GLY A 265 -18.08 -7.02 9.98
CA GLY A 265 -19.38 -7.44 9.47
C GLY A 265 -19.91 -8.75 10.01
N SER A 266 -19.03 -9.53 10.63
CA SER A 266 -19.45 -10.72 11.36
C SER A 266 -18.41 -11.05 12.41
N ASP A 267 -18.71 -12.05 13.23
CA ASP A 267 -17.71 -12.59 14.14
C ASP A 267 -16.58 -13.17 13.29
N GLY A 268 -15.38 -13.19 13.85
CA GLY A 268 -14.22 -13.77 13.16
C GLY A 268 -13.47 -12.84 12.21
N VAL A 269 -13.93 -11.60 12.06
CA VAL A 269 -13.20 -10.61 11.25
C VAL A 269 -13.27 -9.22 11.88
N HIS A 270 -12.15 -8.52 11.87
CA HIS A 270 -12.11 -7.13 12.29
C HIS A 270 -10.93 -6.44 11.62
N LEU A 271 -11.22 -5.80 10.49
CA LEU A 271 -10.21 -5.14 9.65
C LEU A 271 -10.29 -3.64 9.87
N ARG A 272 -9.14 -3.00 10.10
CA ARG A 272 -9.05 -1.55 10.28
C ARG A 272 -7.86 -1.00 9.52
N ALA A 273 -8.01 0.20 9.00
CA ALA A 273 -6.89 0.91 8.36
C ALA A 273 -6.97 2.40 8.64
N ARG A 274 -5.79 3.03 8.61
CA ARG A 274 -5.62 4.45 8.84
C ARG A 274 -4.88 4.99 7.62
N ARG A 275 -5.62 5.57 6.68
CA ARG A 275 -5.08 6.04 5.40
C ARG A 275 -5.88 7.25 4.91
N PRO A 276 -5.23 8.18 4.18
CA PRO A 276 -6.00 9.31 3.65
C PRO A 276 -6.92 8.87 2.51
N MET A 277 -7.99 9.63 2.29
CA MET A 277 -8.88 9.40 1.14
C MET A 277 -8.18 9.64 -0.19
N ILE A 278 -7.25 10.59 -0.19
CA ILE A 278 -6.40 10.84 -1.34
C ILE A 278 -4.94 10.61 -0.91
N GLU A 279 -4.29 9.60 -1.46
CA GLU A 279 -2.90 9.28 -1.12
C GLU A 279 -1.98 9.83 -2.20
N LEU A 280 -1.04 10.68 -1.78
CA LEU A 280 -0.04 11.23 -2.69
C LEU A 280 1.31 10.63 -2.36
N SER A 281 2.14 10.53 -3.39
CA SER A 281 3.57 10.29 -3.21
C SER A 281 4.17 11.50 -2.48
N PRO A 282 5.34 11.34 -1.85
CA PRO A 282 5.91 12.49 -1.12
C PRO A 282 6.25 13.69 -2.01
N ASP A 283 6.46 13.46 -3.31
CA ASP A 283 6.68 14.53 -4.29
C ASP A 283 5.40 15.01 -5.01
N GLY A 284 4.22 14.62 -4.53
CA GLY A 284 2.95 15.19 -4.96
C GLY A 284 2.17 14.47 -6.06
N GLU A 285 2.67 13.31 -6.51
CA GLU A 285 1.97 12.54 -7.53
C GLU A 285 0.86 11.72 -6.87
N MET A 286 -0.31 11.66 -7.52
CA MET A 286 -1.42 10.85 -6.99
C MET A 286 -1.10 9.36 -7.06
N ILE A 287 -1.31 8.67 -5.94
CA ILE A 287 -1.08 7.22 -5.82
C ILE A 287 -2.39 6.45 -5.72
N ALA A 288 -3.29 6.87 -4.84
CA ALA A 288 -4.49 6.08 -4.58
C ALA A 288 -5.65 6.90 -4.02
N ILE A 289 -6.85 6.42 -4.29
CA ILE A 289 -8.08 6.95 -3.73
C ILE A 289 -8.68 5.85 -2.87
N ARG A 290 -9.17 6.23 -1.69
CA ARG A 290 -9.91 5.33 -0.81
C ARG A 290 -11.21 6.04 -0.43
N PHE A 291 -12.34 5.47 -0.86
CA PHE A 291 -13.63 6.12 -0.70
C PHE A 291 -14.70 5.04 -0.58
N ASN A 292 -15.38 4.99 0.56
CA ASN A 292 -16.36 3.94 0.83
C ASN A 292 -17.22 4.37 2.01
N ASN A 293 -18.43 4.83 1.72
CA ASN A 293 -19.30 5.37 2.78
C ASN A 293 -19.65 4.31 3.83
N ARG A 294 -19.74 3.04 3.40
CA ARG A 294 -20.23 1.98 4.26
C ARG A 294 -19.24 1.55 5.35
N SER A 295 -17.94 1.70 5.11
CA SER A 295 -16.92 1.30 6.08
C SER A 295 -15.96 2.43 6.50
N SER A 296 -16.32 3.67 6.22
CA SER A 296 -15.64 4.81 6.82
C SER A 296 -15.93 4.80 8.33
N ALA A 297 -14.87 4.89 9.13
CA ALA A 297 -14.96 4.83 10.58
C ALA A 297 -14.82 6.25 11.15
N PRO A 298 -15.07 6.42 12.46
CA PRO A 298 -14.95 7.76 13.04
C PRO A 298 -13.59 8.39 12.76
N PHE A 299 -13.60 9.62 12.25
CA PHE A 299 -12.38 10.34 11.91
C PHE A 299 -11.84 11.00 13.17
N VAL A 300 -10.81 10.39 13.74
CA VAL A 300 -10.23 10.81 15.01
C VAL A 300 -8.89 11.53 14.87
N ASP A 301 -8.37 11.61 13.65
CA ASP A 301 -7.02 12.14 13.41
C ASP A 301 -6.99 13.58 12.90
N ILE A 302 -8.17 14.16 12.69
CA ILE A 302 -8.26 15.51 12.13
C ILE A 302 -8.45 16.50 13.28
N PRO A 303 -7.61 17.56 13.34
CA PRO A 303 -7.77 18.59 14.36
C PRO A 303 -9.17 19.20 14.40
N PHE A 304 -9.63 19.57 15.59
CA PHE A 304 -10.97 20.14 15.76
C PHE A 304 -11.20 21.34 14.84
N GLU A 305 -10.22 22.25 14.80
CA GLU A 305 -10.30 23.45 13.94
C GLU A 305 -10.34 23.18 12.43
N LYS A 306 -9.99 21.96 11.99
CA LYS A 306 -10.06 21.59 10.57
C LYS A 306 -11.21 20.64 10.21
N MET A 307 -11.94 20.13 11.20
CA MET A 307 -12.95 19.09 10.94
C MET A 307 -14.10 19.53 10.02
N GLU A 308 -14.61 20.74 10.21
CA GLU A 308 -15.71 21.23 9.37
C GLU A 308 -15.29 21.35 7.92
N ALA A 309 -14.11 21.96 7.71
CA ALA A 309 -13.56 22.10 6.36
C ALA A 309 -13.23 20.75 5.73
N TYR A 310 -12.74 19.81 6.55
CA TYR A 310 -12.48 18.45 6.07
C TYR A 310 -13.77 17.81 5.55
N TYR A 311 -14.83 17.89 6.36
CA TYR A 311 -16.14 17.38 5.94
C TYR A 311 -16.71 18.08 4.70
N ALA A 312 -16.48 19.38 4.57
CA ALA A 312 -16.91 20.12 3.39
C ALA A 312 -16.20 19.60 2.14
N ALA A 313 -14.90 19.31 2.27
CA ALA A 313 -14.10 18.75 1.17
C ALA A 313 -14.53 17.32 0.83
N TYR A 314 -14.76 16.52 1.87
CA TYR A 314 -15.29 15.16 1.73
C TYR A 314 -16.64 15.17 1.00
N ARG A 315 -17.54 16.05 1.45
CA ARG A 315 -18.82 16.25 0.76
C ARG A 315 -18.62 16.59 -0.70
N ARG A 316 -17.70 17.52 -0.98
CA ARG A 316 -17.49 17.97 -2.37
C ARG A 316 -16.93 16.86 -3.26
N LEU A 317 -15.98 16.08 -2.74
CA LEU A 317 -15.47 14.91 -3.45
C LEU A 317 -16.63 13.96 -3.77
N GLY A 318 -17.46 13.68 -2.76
CA GLY A 318 -18.67 12.86 -2.94
C GLY A 318 -19.60 13.37 -4.03
N GLU A 319 -19.74 14.69 -4.11
CA GLU A 319 -20.54 15.30 -5.19
C GLU A 319 -19.94 15.05 -6.58
N PHE A 320 -18.61 15.12 -6.70
CA PHE A 320 -17.95 14.77 -7.96
C PHE A 320 -18.13 13.28 -8.28
N ILE A 321 -18.00 12.44 -7.28
CA ILE A 321 -18.15 10.99 -7.46
C ILE A 321 -19.60 10.62 -7.83
N ASP A 322 -20.58 11.30 -7.22
CA ASP A 322 -22.01 11.07 -7.53
C ASP A 322 -22.51 11.74 -8.83
N ASP A 323 -21.71 12.64 -9.39
CA ASP A 323 -22.06 13.36 -10.62
C ASP A 323 -22.29 12.37 -11.77
N PRO A 324 -23.53 12.31 -12.34
CA PRO A 324 -23.78 11.40 -13.46
C PRO A 324 -22.84 11.60 -14.66
N GLU A 325 -22.34 12.82 -14.85
CA GLU A 325 -21.38 13.11 -15.92
C GLU A 325 -19.98 12.52 -15.70
N MET A 326 -19.71 12.04 -14.48
CA MET A 326 -18.48 11.33 -14.16
C MET A 326 -18.59 9.81 -14.30
N GLY A 327 -19.81 9.27 -14.21
CA GLY A 327 -20.02 7.84 -14.18
C GLY A 327 -20.20 7.24 -15.57
N VAL A 328 -19.46 6.17 -15.85
CA VAL A 328 -19.65 5.36 -17.06
C VAL A 328 -20.53 4.19 -16.67
N SER A 329 -21.76 4.17 -17.21
CA SER A 329 -22.78 3.21 -16.82
C SER A 329 -23.02 2.15 -17.90
N PHE A 330 -23.22 0.92 -17.45
CA PHE A 330 -23.53 -0.20 -18.33
C PHE A 330 -24.19 -1.29 -17.51
N LYS A 331 -24.88 -2.20 -18.17
CA LYS A 331 -25.46 -3.35 -17.48
C LYS A 331 -24.82 -4.63 -18.01
N LEU A 332 -24.16 -5.37 -17.13
CA LEU A 332 -23.48 -6.59 -17.53
C LEU A 332 -24.49 -7.66 -17.92
N GLU A 333 -24.13 -8.41 -18.96
CA GLU A 333 -24.88 -9.58 -19.43
C GLU A 333 -24.15 -10.80 -18.92
N PRO A 334 -24.84 -11.96 -18.86
CA PRO A 334 -24.16 -13.19 -18.46
C PRO A 334 -22.89 -13.46 -19.25
N GLY A 335 -21.80 -13.74 -18.54
CA GLY A 335 -20.50 -13.99 -19.15
C GLY A 335 -19.63 -12.75 -19.39
N GLU A 336 -20.17 -11.57 -19.09
CA GLU A 336 -19.40 -10.33 -19.18
C GLU A 336 -18.85 -9.99 -17.81
N SER A 337 -17.70 -9.32 -17.82
CA SER A 337 -17.04 -8.92 -16.59
C SER A 337 -16.29 -7.61 -16.80
N PHE A 338 -15.83 -7.02 -15.71
CA PHE A 338 -14.89 -5.91 -15.79
C PHE A 338 -13.88 -5.97 -14.67
N ILE A 339 -12.76 -5.30 -14.91
CA ILE A 339 -11.70 -5.16 -13.94
C ILE A 339 -11.53 -3.69 -13.65
N VAL A 340 -11.37 -3.36 -12.36
CA VAL A 340 -10.99 -2.00 -11.97
C VAL A 340 -9.66 -2.03 -11.24
N ASP A 341 -8.85 -1.01 -11.49
CA ASP A 341 -7.76 -0.66 -10.63
C ASP A 341 -8.40 -0.14 -9.37
N ASN A 342 -8.39 -0.97 -8.32
CA ASN A 342 -9.10 -0.66 -7.09
C ASN A 342 -8.38 0.38 -6.20
N THR A 343 -7.20 0.83 -6.63
CA THR A 343 -6.53 1.97 -6.01
C THR A 343 -6.96 3.31 -6.64
N ARG A 344 -7.81 3.29 -7.67
CA ARG A 344 -8.09 4.47 -8.50
C ARG A 344 -9.54 4.61 -8.95
N VAL A 345 -10.05 3.58 -9.63
CA VAL A 345 -11.36 3.62 -10.25
C VAL A 345 -12.37 3.01 -9.29
N LEU A 346 -13.41 3.78 -9.00
CA LEU A 346 -14.49 3.36 -8.11
C LEU A 346 -15.54 2.65 -8.94
N HIS A 347 -16.29 1.76 -8.29
CA HIS A 347 -17.40 1.09 -8.93
C HIS A 347 -18.63 1.17 -8.05
N ALA A 348 -19.78 1.03 -8.69
CA ALA A 348 -21.08 1.20 -8.05
C ALA A 348 -22.08 0.27 -8.72
N ARG A 349 -23.25 0.13 -8.11
CA ARG A 349 -24.37 -0.48 -8.79
C ARG A 349 -25.68 0.15 -8.36
N LEU A 350 -26.65 0.16 -9.28
CA LEU A 350 -27.99 0.59 -8.94
C LEU A 350 -28.68 -0.56 -8.23
N GLY A 351 -29.61 -0.25 -7.33
CA GLY A 351 -30.39 -1.28 -6.65
C GLY A 351 -31.18 -2.12 -7.64
N TYR A 352 -31.62 -3.30 -7.21
CA TYR A 352 -32.38 -4.19 -8.07
C TYR A 352 -33.50 -4.88 -7.29
N SER A 353 -34.55 -5.28 -8.02
CA SER A 353 -35.75 -5.86 -7.43
C SER A 353 -36.66 -6.48 -8.50
N GLY A 354 -37.75 -7.09 -8.05
CA GLY A 354 -38.81 -7.58 -8.93
C GLY A 354 -38.54 -8.96 -9.50
N SER A 355 -39.22 -9.27 -10.60
CA SER A 355 -39.02 -10.53 -11.31
C SER A 355 -37.59 -10.58 -11.87
N GLY A 356 -36.95 -11.73 -11.71
CA GLY A 356 -35.57 -11.94 -12.16
C GLY A 356 -34.65 -12.19 -10.98
N SER A 357 -33.41 -12.57 -11.30
CA SER A 357 -32.40 -12.83 -10.29
C SER A 357 -31.07 -12.28 -10.75
N ARG A 358 -30.26 -11.85 -9.77
CA ARG A 358 -28.96 -11.27 -10.04
C ARG A 358 -27.89 -12.08 -9.33
N TRP A 359 -26.81 -12.36 -10.05
CA TRP A 359 -25.71 -13.14 -9.51
C TRP A 359 -24.43 -12.71 -10.21
N LEU A 360 -23.62 -11.97 -9.48
CA LEU A 360 -22.27 -11.64 -9.91
C LEU A 360 -21.30 -12.38 -9.00
N GLN A 361 -20.06 -12.55 -9.49
CA GLN A 361 -18.98 -13.08 -8.68
C GLN A 361 -17.85 -12.07 -8.67
N GLY A 362 -17.19 -11.94 -7.53
CA GLY A 362 -16.08 -11.00 -7.40
C GLY A 362 -14.85 -11.60 -6.76
N CYS A 363 -13.70 -11.05 -7.13
CA CYS A 363 -12.43 -11.42 -6.51
C CYS A 363 -11.43 -10.29 -6.65
N TYR A 364 -10.34 -10.40 -5.89
CA TYR A 364 -9.25 -9.44 -5.93
C TYR A 364 -8.03 -10.08 -6.55
N ALA A 365 -7.24 -9.25 -7.22
CA ALA A 365 -5.93 -9.64 -7.72
C ALA A 365 -5.00 -8.46 -7.51
N ASP A 366 -3.74 -8.57 -7.96
CA ASP A 366 -2.82 -7.48 -7.75
C ASP A 366 -2.16 -6.98 -9.05
N LYS A 367 -1.93 -5.66 -9.07
CA LYS A 367 -1.40 -4.97 -10.24
C LYS A 367 0.01 -5.39 -10.60
N ASP A 368 0.82 -5.75 -9.60
CA ASP A 368 2.21 -6.12 -9.88
C ASP A 368 2.28 -7.30 -10.87
N GLY A 369 1.41 -8.29 -10.70
CA GLY A 369 1.26 -9.40 -11.65
C GLY A 369 0.83 -8.94 -13.04
N LEU A 370 -0.19 -8.08 -13.09
CA LEU A 370 -0.66 -7.51 -14.36
C LEU A 370 0.44 -6.77 -15.09
N PHE A 371 1.20 -5.94 -14.36
CA PHE A 371 2.32 -5.20 -14.96
C PHE A 371 3.41 -6.13 -15.48
N SER A 372 3.72 -7.19 -14.73
CA SER A 372 4.73 -8.15 -15.18
C SER A 372 4.31 -8.87 -16.46
N THR A 373 3.07 -9.37 -16.49
CA THR A 373 2.52 -10.03 -17.65
C THR A 373 2.54 -9.09 -18.87
N LEU A 374 2.15 -7.84 -18.64
CA LEU A 374 2.15 -6.82 -19.70
C LEU A 374 3.57 -6.52 -20.19
N ASN A 375 4.49 -6.29 -19.24
CA ASN A 375 5.90 -6.04 -19.55
C ASN A 375 6.53 -7.15 -20.39
N VAL A 376 6.24 -8.40 -20.02
CA VAL A 376 6.74 -9.57 -20.75
C VAL A 376 6.14 -9.63 -22.16
N LEU A 377 4.83 -9.40 -22.27
CA LEU A 377 4.16 -9.33 -23.58
C LEU A 377 4.70 -8.22 -24.49
N ASN A 378 5.01 -7.05 -23.91
CA ASN A 378 5.64 -5.96 -24.65
C ASN A 378 7.06 -6.30 -25.15
N ALA A 379 7.81 -7.04 -24.34
CA ALA A 379 9.15 -7.50 -24.74
C ALA A 379 9.09 -8.50 -25.89
N GLN A 380 8.11 -9.40 -25.85
CA GLN A 380 7.96 -10.46 -26.85
C GLN A 380 7.31 -10.02 -28.16
N LEU A 381 6.41 -9.03 -28.10
CA LEU A 381 5.72 -8.51 -29.28
C LEU A 381 6.39 -7.27 -29.91
N GLY A 382 7.54 -6.84 -29.37
CA GLY A 382 8.24 -5.66 -29.88
C GLY A 382 9.36 -5.20 -28.97
N HIS B 4 -15.28 7.63 34.88
CA HIS B 4 -15.33 9.09 35.24
C HIS B 4 -14.55 9.97 34.25
N HIS B 5 -13.37 9.50 33.85
CA HIS B 5 -12.68 9.90 32.61
C HIS B 5 -13.64 9.78 31.40
N HIS B 6 -14.46 8.72 31.40
CA HIS B 6 -15.41 8.41 30.31
C HIS B 6 -16.92 8.60 30.66
N MET B 7 -17.23 9.16 31.84
CA MET B 7 -18.63 9.36 32.27
C MET B 7 -19.06 10.80 31.96
N PRO B 8 -20.01 10.98 31.04
CA PRO B 8 -20.46 12.33 30.71
C PRO B 8 -21.27 12.94 31.85
N ARG B 9 -21.07 14.22 32.10
CA ARG B 9 -21.75 14.97 33.16
C ARG B 9 -22.82 15.89 32.55
N SER B 10 -22.41 16.73 31.61
CA SER B 10 -23.29 17.74 31.04
C SER B 10 -22.85 18.12 29.63
N VAL B 11 -23.72 18.85 28.93
CA VAL B 11 -23.45 19.31 27.57
C VAL B 11 -24.04 20.70 27.33
N THR B 12 -23.33 21.51 26.55
CA THR B 12 -23.84 22.75 26.01
C THR B 12 -23.78 22.67 24.49
N ALA B 13 -24.82 23.18 23.83
CA ALA B 13 -24.84 23.30 22.38
C ALA B 13 -24.50 24.75 22.05
N ASP B 14 -23.62 24.96 21.08
CA ASP B 14 -23.33 26.31 20.59
C ASP B 14 -24.59 26.91 19.99
N ALA B 15 -24.75 28.22 20.11
CA ALA B 15 -25.91 28.92 19.54
C ALA B 15 -26.11 28.62 18.05
N SER B 16 -25.01 28.45 17.32
CA SER B 16 -25.05 28.07 15.90
C SER B 16 -25.64 26.68 15.64
N GLY B 17 -25.54 25.79 16.63
CA GLY B 17 -25.85 24.37 16.45
C GLY B 17 -24.76 23.63 15.70
N SER B 18 -23.62 24.28 15.43
CA SER B 18 -22.57 23.69 14.60
C SER B 18 -21.70 22.71 15.39
N PHE B 19 -21.64 22.87 16.71
CA PHE B 19 -20.98 21.91 17.60
C PHE B 19 -21.58 21.93 18.99
N LEU B 20 -21.23 20.92 19.79
CA LEU B 20 -21.57 20.90 21.21
C LEU B 20 -20.29 20.62 21.99
N THR B 21 -20.34 20.95 23.28
CA THR B 21 -19.21 20.77 24.18
C THR B 21 -19.67 19.86 25.32
N LEU B 22 -19.04 18.70 25.40
CA LEU B 22 -19.38 17.67 26.38
C LEU B 22 -18.42 17.77 27.55
N THR B 23 -18.96 17.83 28.77
CA THR B 23 -18.14 17.82 30.00
C THR B 23 -18.30 16.47 30.69
N PHE B 24 -17.17 15.88 31.07
CA PHE B 24 -17.15 14.58 31.77
C PHE B 24 -17.04 14.79 33.28
N GLU B 25 -17.23 13.72 34.05
CA GLU B 25 -17.26 13.80 35.53
C GLU B 25 -15.91 14.16 36.18
N ASP B 26 -14.80 13.97 35.45
CA ASP B 26 -13.48 14.42 35.91
C ASP B 26 -13.15 15.89 35.58
N GLY B 27 -14.11 16.62 34.99
CA GLY B 27 -13.92 18.02 34.63
C GLY B 27 -13.44 18.27 33.21
N SER B 28 -12.99 17.22 32.51
CA SER B 28 -12.49 17.35 31.14
C SER B 28 -13.63 17.68 30.16
N GLU B 29 -13.28 18.42 29.11
CA GLU B 29 -14.22 18.81 28.06
C GLU B 29 -13.79 18.23 26.71
N SER B 30 -14.77 17.98 25.85
CA SER B 30 -14.52 17.55 24.49
C SER B 30 -15.62 18.08 23.57
N ARG B 31 -15.22 18.79 22.51
CA ARG B 31 -16.16 19.37 21.55
C ARG B 31 -16.37 18.44 20.36
N PHE B 32 -17.61 18.36 19.88
CA PHE B 32 -17.97 17.54 18.73
C PHE B 32 -18.84 18.34 17.78
N HIS B 33 -18.49 18.32 16.48
CA HIS B 33 -19.29 19.01 15.46
C HIS B 33 -20.56 18.24 15.12
N ALA B 34 -21.60 18.98 14.75
CA ALA B 34 -22.87 18.38 14.33
C ALA B 34 -22.71 17.40 13.19
N ILE B 35 -21.95 17.80 12.16
CA ILE B 35 -21.76 16.94 10.98
C ILE B 35 -21.07 15.61 11.33
N TRP B 36 -20.08 15.68 12.22
CA TRP B 36 -19.34 14.50 12.68
C TRP B 36 -20.24 13.58 13.49
N LEU B 37 -21.01 14.15 14.41
CA LEU B 37 -21.96 13.37 15.22
C LEU B 37 -23.02 12.70 14.35
N ARG B 38 -23.54 13.42 13.36
CA ARG B 38 -24.56 12.87 12.49
C ARG B 38 -24.02 11.71 11.65
N ASP B 39 -22.85 11.93 11.07
CA ASP B 39 -22.19 10.90 10.25
C ASP B 39 -21.85 9.66 11.07
N ASN B 40 -21.52 9.86 12.34
CA ASN B 40 -21.16 8.75 13.24
C ASN B 40 -22.28 8.23 14.13
N ALA B 41 -23.52 8.58 13.82
CA ALA B 41 -24.66 8.05 14.57
C ALA B 41 -24.66 6.52 14.51
N LEU B 42 -24.94 5.89 15.65
CA LEU B 42 -24.82 4.44 15.81
C LEU B 42 -26.17 3.73 15.79
N ASP B 43 -27.24 4.47 15.52
CA ASP B 43 -28.59 3.92 15.50
C ASP B 43 -28.79 3.00 14.28
N PRO B 44 -29.80 2.10 14.34
CA PRO B 44 -30.06 1.14 13.24
C PRO B 44 -30.30 1.70 11.84
N GLU B 45 -30.73 2.96 11.71
CA GLU B 45 -30.92 3.56 10.39
C GLU B 45 -29.68 4.31 9.86
N THR B 46 -28.65 4.44 10.69
CA THR B 46 -27.34 4.93 10.23
C THR B 46 -26.33 3.79 10.08
N ARG B 47 -26.32 2.86 11.05
CA ARG B 47 -25.44 1.69 11.01
C ARG B 47 -26.27 0.42 11.04
N SER B 48 -26.11 -0.43 10.02
CA SER B 48 -26.85 -1.70 9.98
C SER B 48 -26.55 -2.50 11.25
N PRO B 49 -27.61 -2.91 12.00
CA PRO B 49 -27.37 -3.74 13.19
C PRO B 49 -26.63 -5.06 12.90
N GLY B 50 -26.93 -5.69 11.76
CA GLY B 50 -26.41 -7.01 11.43
C GLY B 50 -24.95 -7.08 11.01
N ASN B 51 -24.44 -6.00 10.41
CA ASN B 51 -23.07 -5.98 9.88
C ASN B 51 -22.25 -4.70 10.13
N GLY B 52 -22.83 -3.70 10.78
CA GLY B 52 -22.12 -2.44 11.08
C GLY B 52 -21.86 -1.51 9.91
N GLN B 53 -22.41 -1.82 8.73
CA GLN B 53 -22.20 -0.97 7.55
C GLN B 53 -23.03 0.30 7.66
N ARG B 54 -22.43 1.44 7.34
CA ARG B 54 -23.16 2.70 7.31
C ARG B 54 -24.15 2.69 6.15
N LEU B 55 -25.38 3.15 6.42
CA LEU B 55 -26.50 3.06 5.49
C LEU B 55 -26.73 4.34 4.66
N ILE B 56 -26.00 5.40 4.98
CA ILE B 56 -26.16 6.70 4.34
C ILE B 56 -24.81 7.20 3.83
N THR B 57 -24.85 8.01 2.77
CA THR B 57 -23.68 8.67 2.22
C THR B 57 -23.52 10.06 2.80
N ILE B 58 -22.38 10.69 2.57
CA ILE B 58 -22.21 12.10 2.96
C ILE B 58 -23.24 12.98 2.26
N GLY B 59 -23.53 12.68 0.99
CA GLY B 59 -24.56 13.38 0.22
C GLY B 59 -25.97 13.30 0.81
N ASP B 60 -26.28 12.18 1.48
CA ASP B 60 -27.58 12.00 2.15
C ASP B 60 -27.77 12.90 3.37
N ILE B 61 -26.69 13.35 3.99
CA ILE B 61 -26.76 14.20 5.17
C ILE B 61 -26.94 15.64 4.70
N PRO B 62 -28.03 16.32 5.12
CA PRO B 62 -28.21 17.71 4.70
C PRO B 62 -27.01 18.59 5.03
N ALA B 63 -26.57 19.41 4.07
CA ALA B 63 -25.39 20.26 4.24
C ALA B 63 -25.52 21.27 5.38
N ASP B 64 -26.76 21.69 5.67
CA ASP B 64 -27.05 22.60 6.80
C ASP B 64 -27.37 21.88 8.12
N THR B 65 -26.95 20.61 8.25
CA THR B 65 -27.18 19.83 9.47
C THR B 65 -26.60 20.54 10.69
N ARG B 66 -27.43 20.64 11.73
CA ARG B 66 -27.07 21.29 12.98
C ARG B 66 -27.63 20.49 14.15
N ILE B 67 -27.08 20.74 15.33
CA ILE B 67 -27.64 20.24 16.59
C ILE B 67 -28.80 21.15 16.98
N SER B 68 -30.01 20.57 17.06
CA SER B 68 -31.20 21.28 17.54
C SER B 68 -31.19 21.36 19.06
N THR B 69 -31.17 20.19 19.70
CA THR B 69 -31.07 20.08 21.16
C THR B 69 -30.19 18.89 21.55
N ALA B 70 -29.69 18.93 22.78
CA ALA B 70 -28.84 17.87 23.31
C ALA B 70 -28.93 17.81 24.83
N LEU B 71 -28.73 16.63 25.39
CA LEU B 71 -28.82 16.41 26.84
C LEU B 71 -28.00 15.21 27.26
N VAL B 72 -27.33 15.32 28.42
CA VAL B 72 -26.65 14.20 29.05
C VAL B 72 -27.60 13.61 30.09
N ASP B 73 -27.71 12.28 30.09
CA ASP B 73 -28.53 11.56 31.05
C ASP B 73 -28.00 10.14 31.20
N ASP B 74 -27.81 9.69 32.44
CA ASP B 74 -27.52 8.29 32.75
C ASP B 74 -26.37 7.73 31.89
N GLY B 75 -25.28 8.49 31.84
CA GLY B 75 -24.07 8.07 31.16
C GLY B 75 -24.06 8.14 29.64
N ALA B 76 -25.08 8.77 29.05
CA ALA B 76 -25.20 8.87 27.59
C ALA B 76 -25.60 10.28 27.17
N LEU B 77 -25.28 10.60 25.91
CA LEU B 77 -25.66 11.87 25.28
C LEU B 77 -26.78 11.65 24.28
N THR B 78 -27.91 12.33 24.49
CA THR B 78 -28.97 12.42 23.48
C THR B 78 -28.75 13.67 22.64
N VAL B 79 -28.81 13.52 21.32
CA VAL B 79 -28.66 14.62 20.37
C VAL B 79 -29.75 14.51 19.32
N THR B 80 -30.41 15.63 19.02
CA THR B 80 -31.37 15.71 17.93
C THR B 80 -30.89 16.71 16.89
N PHE B 81 -30.90 16.27 15.64
CA PHE B 81 -30.39 17.07 14.52
C PHE B 81 -31.52 17.79 13.82
N ALA B 82 -31.21 18.95 13.27
CA ALA B 82 -32.07 19.64 12.31
C ALA B 82 -31.26 19.79 11.02
N PRO B 83 -31.89 19.79 9.84
CA PRO B 83 -33.36 19.77 9.65
C PRO B 83 -34.03 18.38 9.59
N GLU B 84 -33.26 17.30 9.73
CA GLU B 84 -33.82 15.95 9.69
C GLU B 84 -34.82 15.65 10.82
N GLY B 85 -34.56 16.21 12.00
CA GLY B 85 -35.34 15.90 13.20
C GLY B 85 -34.93 14.59 13.86
N LYS B 86 -33.76 14.07 13.49
CA LYS B 86 -33.33 12.75 13.93
C LYS B 86 -32.74 12.82 15.33
N THR B 87 -33.26 11.98 16.24
CA THR B 87 -32.74 11.83 17.59
C THR B 87 -31.92 10.56 17.67
N VAL B 88 -30.70 10.68 18.20
CA VAL B 88 -29.81 9.55 18.44
C VAL B 88 -29.20 9.67 19.83
N THR B 89 -28.71 8.56 20.35
CA THR B 89 -28.01 8.55 21.62
C THR B 89 -26.63 7.92 21.47
N PHE B 90 -25.68 8.45 22.22
CA PHE B 90 -24.29 8.00 22.21
C PHE B 90 -23.90 7.61 23.63
N PRO B 91 -23.35 6.38 23.81
CA PRO B 91 -22.77 6.04 25.12
C PRO B 91 -21.59 6.94 25.44
N GLY B 92 -21.43 7.26 26.73
CA GLY B 92 -20.31 8.07 27.21
C GLY B 92 -18.94 7.53 26.84
N LYS B 93 -18.77 6.22 27.04
CA LYS B 93 -17.52 5.53 26.71
C LYS B 93 -17.11 5.73 25.25
N TRP B 94 -18.10 5.63 24.35
CA TRP B 94 -17.84 5.75 22.91
C TRP B 94 -17.38 7.16 22.54
N LEU B 95 -18.05 8.18 23.08
CA LEU B 95 -17.69 9.57 22.80
C LEU B 95 -16.26 9.89 23.22
N LYS B 96 -15.89 9.46 24.42
CA LYS B 96 -14.53 9.71 24.94
C LYS B 96 -13.48 8.96 24.13
N SER B 97 -13.76 7.69 23.80
CA SER B 97 -12.85 6.86 22.99
C SER B 97 -12.63 7.37 21.57
N ASN B 98 -13.65 8.00 21.00
CA ASN B 98 -13.61 8.50 19.62
C ASN B 98 -13.49 10.02 19.50
N ALA B 99 -13.04 10.67 20.58
CA ALA B 99 -12.86 12.12 20.61
C ALA B 99 -11.77 12.53 19.62
N TYR B 100 -11.99 13.66 18.95
CA TYR B 100 -10.97 14.27 18.06
C TYR B 100 -10.51 15.66 18.52
N ASP B 101 -11.22 16.26 19.47
CA ASP B 101 -10.82 17.53 20.07
C ASP B 101 -9.69 17.28 21.08
N THR B 102 -8.52 16.96 20.55
CA THR B 102 -7.34 16.57 21.33
C THR B 102 -6.10 17.08 20.61
N ASP B 103 -4.97 17.06 21.32
CA ASP B 103 -3.69 17.42 20.72
C ASP B 103 -3.21 16.27 19.83
N GLN B 104 -3.32 16.45 18.51
CA GLN B 104 -2.87 15.45 17.54
C GLN B 104 -1.35 15.57 17.45
N SER B 105 -0.63 14.49 17.74
CA SER B 105 0.83 14.49 17.63
C SER B 105 1.23 14.71 16.17
N SER B 106 2.16 15.64 15.94
CA SER B 106 2.57 16.05 14.61
C SER B 106 4.05 15.79 14.29
N GLU B 107 4.78 15.17 15.22
CA GLU B 107 6.23 14.96 15.08
C GLU B 107 6.54 14.14 13.82
N VAL B 108 7.38 14.71 12.95
CA VAL B 108 7.73 14.07 11.68
C VAL B 108 8.69 12.90 11.96
N GLY B 109 8.34 11.73 11.47
CA GLY B 109 9.15 10.51 11.64
C GLY B 109 8.91 9.74 12.93
N ARG B 110 7.91 10.14 13.71
CA ARG B 110 7.56 9.42 14.93
C ARG B 110 7.05 8.03 14.59
N THR B 111 7.31 7.07 15.48
CA THR B 111 6.72 5.74 15.37
C THR B 111 5.41 5.71 16.12
N SER B 112 4.51 4.83 15.68
CA SER B 112 3.25 4.57 16.37
C SER B 112 3.54 4.11 17.81
N PRO B 113 2.66 4.48 18.78
CA PRO B 113 2.85 3.97 20.14
C PRO B 113 2.70 2.45 20.28
N ASP B 114 2.03 1.80 19.31
CA ASP B 114 1.84 0.36 19.30
C ASP B 114 3.13 -0.45 18.99
N VAL B 115 4.15 0.19 18.43
CA VAL B 115 5.42 -0.50 18.15
C VAL B 115 6.52 -0.10 19.11
N GLU B 116 7.45 -1.03 19.36
CA GLU B 116 8.66 -0.77 20.13
C GLU B 116 9.84 -1.07 19.23
N THR B 117 10.72 -0.09 19.03
CA THR B 117 11.92 -0.30 18.22
C THR B 117 13.01 -0.99 19.03
N TRP B 118 13.95 -1.62 18.33
CA TRP B 118 14.97 -2.44 18.98
C TRP B 118 16.29 -2.51 18.21
N ASP B 119 17.31 -3.00 18.91
CA ASP B 119 18.62 -3.28 18.33
C ASP B 119 19.06 -4.69 18.80
N SER B 120 20.37 -4.98 18.80
CA SER B 120 20.87 -6.32 19.13
C SER B 120 20.57 -6.81 20.57
N SER B 121 20.20 -5.90 21.48
CA SER B 121 19.82 -6.29 22.85
C SER B 121 18.47 -7.02 22.95
N GLN B 122 17.62 -6.91 21.91
CA GLN B 122 16.31 -7.56 21.89
C GLN B 122 16.42 -9.07 21.65
N PRO B 123 15.95 -9.90 22.60
CA PRO B 123 15.89 -11.34 22.31
C PRO B 123 14.81 -11.64 21.28
N ALA B 124 15.04 -12.64 20.44
CA ALA B 124 14.06 -13.06 19.44
C ALA B 124 12.84 -13.62 20.15
N PRO B 125 11.64 -13.06 19.91
CA PRO B 125 10.45 -13.70 20.46
C PRO B 125 10.30 -15.11 19.92
N ALA B 126 9.98 -16.06 20.78
CA ALA B 126 9.91 -17.47 20.42
C ALA B 126 8.65 -18.09 21.00
N PHE B 127 7.90 -18.79 20.15
CA PHE B 127 6.63 -19.42 20.53
C PHE B 127 6.60 -20.85 19.99
N ASP B 128 5.76 -21.69 20.60
CA ASP B 128 5.69 -23.10 20.25
C ASP B 128 4.59 -23.36 19.23
N TRP B 129 4.94 -24.10 18.18
CA TRP B 129 4.02 -24.43 17.08
C TRP B 129 2.69 -25.01 17.55
N ASN B 130 2.77 -25.98 18.47
CA ASN B 130 1.56 -26.65 18.97
C ASN B 130 0.75 -25.74 19.89
N GLU B 131 1.44 -24.99 20.75
CA GLU B 131 0.76 -24.08 21.68
C GLU B 131 -0.05 -22.99 20.97
N VAL B 132 0.50 -22.41 19.89
CA VAL B 132 -0.23 -21.36 19.16
C VAL B 132 -1.48 -21.88 18.43
N GLN B 133 -1.53 -23.18 18.14
CA GLN B 133 -2.72 -23.77 17.53
C GLN B 133 -3.83 -24.09 18.52
N SER B 134 -3.45 -24.51 19.73
CA SER B 134 -4.42 -25.00 20.74
C SER B 134 -4.73 -24.00 21.87
N ASP B 135 -3.83 -23.04 22.13
CA ASP B 135 -4.03 -22.06 23.19
C ASP B 135 -4.19 -20.66 22.57
N PRO B 136 -5.41 -20.08 22.59
CA PRO B 136 -5.59 -18.76 21.99
C PRO B 136 -4.75 -17.63 22.64
N LYS B 137 -4.43 -17.76 23.93
CA LYS B 137 -3.52 -16.80 24.58
C LYS B 137 -2.12 -16.85 23.99
N ALA B 138 -1.62 -18.06 23.71
CA ALA B 138 -0.31 -18.23 23.07
C ALA B 138 -0.33 -17.66 21.64
N LYS B 139 -1.40 -17.97 20.91
CA LYS B 139 -1.59 -17.41 19.56
C LYS B 139 -1.62 -15.88 19.59
N ARG B 140 -2.40 -15.32 20.52
CA ARG B 140 -2.48 -13.88 20.70
C ARG B 140 -1.12 -13.25 20.96
N ASP B 141 -0.35 -13.82 21.90
CA ASP B 141 0.98 -13.29 22.25
C ASP B 141 1.97 -13.38 21.09
N TRP B 142 1.87 -14.47 20.32
CA TRP B 142 2.70 -14.66 19.12
C TRP B 142 2.43 -13.55 18.10
N LEU B 143 1.16 -13.35 17.75
CA LEU B 143 0.78 -12.29 16.80
C LEU B 143 1.05 -10.89 17.35
N ASP B 144 0.86 -10.69 18.65
CA ASP B 144 1.15 -9.39 19.28
C ASP B 144 2.64 -9.03 19.20
N ALA B 145 3.52 -10.03 19.33
CA ALA B 145 4.96 -9.83 19.20
C ALA B 145 5.32 -9.38 17.79
N ILE B 146 4.68 -9.98 16.79
CA ILE B 146 4.88 -9.57 15.40
C ILE B 146 4.36 -8.15 15.19
N ALA B 147 3.20 -7.83 15.78
CA ALA B 147 2.66 -6.46 15.71
C ALA B 147 3.56 -5.40 16.37
N ARG B 148 4.06 -5.70 17.57
CA ARG B 148 4.87 -4.74 18.36
C ARG B 148 6.31 -4.62 17.86
N LEU B 149 6.94 -5.78 17.65
CA LEU B 149 8.37 -5.86 17.35
C LEU B 149 8.70 -6.12 15.87
N GLY B 150 7.72 -6.63 15.11
CA GLY B 150 7.92 -6.86 13.70
C GLY B 150 8.55 -8.20 13.34
N PHE B 151 8.81 -9.05 14.34
CA PHE B 151 9.26 -10.41 14.07
C PHE B 151 8.99 -11.34 15.25
N ALA B 152 8.98 -12.64 14.96
CA ALA B 152 8.85 -13.69 15.97
C ALA B 152 9.27 -15.03 15.39
N LYS B 153 9.84 -15.89 16.24
CA LYS B 153 10.17 -17.27 15.89
C LYS B 153 9.05 -18.21 16.30
N LEU B 154 8.85 -19.25 15.51
CA LEU B 154 7.96 -20.36 15.86
C LEU B 154 8.82 -21.62 15.89
N VAL B 155 8.86 -22.29 17.04
CA VAL B 155 9.71 -23.48 17.23
C VAL B 155 8.87 -24.74 17.43
N ASN B 156 9.54 -25.89 17.36
CA ASN B 156 8.91 -27.22 17.49
C ASN B 156 7.82 -27.51 16.45
N GLY B 157 8.01 -26.97 15.24
CA GLY B 157 7.09 -27.22 14.13
C GLY B 157 7.43 -28.51 13.41
N PRO B 158 6.54 -28.96 12.51
CA PRO B 158 6.80 -30.19 11.75
C PRO B 158 7.86 -30.02 10.67
N VAL B 159 8.68 -31.05 10.47
CA VAL B 159 9.64 -31.07 9.36
C VAL B 159 8.88 -31.65 8.17
N ARG B 160 8.12 -30.78 7.51
CA ARG B 160 7.21 -31.16 6.44
C ARG B 160 7.18 -30.07 5.37
N GLU B 161 7.23 -30.48 4.11
CA GLU B 161 7.15 -29.52 2.99
C GLU B 161 5.79 -28.82 2.99
N GLY B 162 5.82 -27.51 2.77
CA GLY B 162 4.61 -26.70 2.76
C GLY B 162 4.10 -26.27 4.12
N ALA B 163 4.79 -26.66 5.20
CA ALA B 163 4.34 -26.33 6.56
C ALA B 163 4.22 -24.82 6.80
N LEU B 164 5.09 -24.05 6.15
CA LEU B 164 5.02 -22.59 6.22
C LEU B 164 3.67 -22.01 5.77
N ILE B 165 3.01 -22.68 4.81
CA ILE B 165 1.68 -22.27 4.34
C ILE B 165 0.65 -22.48 5.45
N GLU B 166 0.78 -23.57 6.19
CA GLU B 166 -0.06 -23.82 7.36
C GLU B 166 0.13 -22.75 8.42
N CYS B 167 1.37 -22.29 8.60
CA CYS B 167 1.67 -21.20 9.51
C CYS B 167 0.95 -19.91 9.11
N ALA B 168 1.08 -19.51 7.85
CA ALA B 168 0.36 -18.34 7.32
C ALA B 168 -1.15 -18.44 7.56
N SER B 169 -1.70 -19.62 7.31
CA SER B 169 -3.14 -19.88 7.48
C SER B 169 -3.64 -19.82 8.93
N MET B 170 -2.74 -19.86 9.90
CA MET B 170 -3.11 -19.62 11.30
C MET B 170 -3.70 -18.22 11.53
N PHE B 171 -3.31 -17.25 10.72
CA PHE B 171 -3.78 -15.86 10.89
C PHE B 171 -4.26 -15.15 9.62
N GLY B 172 -3.94 -15.67 8.44
CA GLY B 172 -4.20 -14.93 7.21
C GLY B 172 -4.04 -15.72 5.96
N PHE B 173 -3.55 -15.06 4.91
CA PHE B 173 -3.53 -15.60 3.57
C PHE B 173 -2.23 -15.30 2.86
N VAL B 174 -1.78 -16.28 2.08
CA VAL B 174 -0.51 -16.21 1.37
C VAL B 174 -0.66 -15.29 0.17
N ARG B 175 0.32 -14.40 -0.02
CA ARG B 175 0.43 -13.63 -1.27
C ARG B 175 1.14 -14.52 -2.28
N GLU B 176 0.37 -15.04 -3.23
CA GLU B 176 0.89 -15.90 -4.29
C GLU B 176 1.57 -15.04 -5.34
N THR B 177 2.70 -15.50 -5.85
CA THR B 177 3.45 -14.81 -6.91
C THR B 177 3.74 -15.79 -8.04
N ASN B 178 4.45 -15.33 -9.07
CA ASN B 178 4.87 -16.24 -10.15
C ASN B 178 5.80 -17.38 -9.73
N TYR B 179 6.46 -17.21 -8.58
CA TYR B 179 7.29 -18.26 -7.98
C TYR B 179 6.49 -19.34 -7.24
N GLY B 180 5.19 -19.11 -7.03
CA GLY B 180 4.30 -20.06 -6.39
C GLY B 180 3.74 -19.48 -5.11
N LYS B 181 2.95 -20.29 -4.40
CA LYS B 181 2.49 -19.91 -3.07
C LYS B 181 3.66 -19.90 -2.09
N TYR B 182 4.65 -20.76 -2.30
CA TYR B 182 5.92 -20.67 -1.60
C TYR B 182 7.06 -21.03 -2.55
N PHE B 183 8.28 -20.74 -2.11
CA PHE B 183 9.48 -20.99 -2.92
C PHE B 183 10.54 -21.73 -2.11
N GLU B 184 11.40 -22.44 -2.83
CA GLU B 184 12.47 -23.23 -2.23
C GLU B 184 13.72 -22.37 -2.12
N VAL B 185 14.41 -22.45 -0.99
CA VAL B 185 15.70 -21.82 -0.81
C VAL B 185 16.68 -22.93 -0.42
N ARG B 186 17.31 -23.51 -1.44
CA ARG B 186 18.28 -24.60 -1.27
C ARG B 186 19.70 -24.07 -1.42
N THR B 187 20.57 -24.47 -0.49
CA THR B 187 21.96 -24.03 -0.48
C THR B 187 22.86 -25.23 -0.20
N GLU B 188 23.83 -25.44 -1.09
CA GLU B 188 24.94 -26.34 -0.82
C GLU B 188 26.12 -25.44 -0.47
N VAL B 189 26.82 -25.72 0.63
CA VAL B 189 28.05 -24.98 0.96
C VAL B 189 29.21 -25.96 1.01
N ASN B 190 30.26 -25.61 0.27
CA ASN B 190 31.47 -26.42 0.11
C ASN B 190 32.65 -25.45 -0.07
N PRO B 191 33.90 -25.96 -0.22
CA PRO B 191 35.04 -25.04 -0.38
C PRO B 191 35.03 -24.04 -1.56
N THR B 192 34.27 -24.32 -2.62
CA THR B 192 34.36 -23.59 -3.91
C THR B 192 34.12 -22.02 -4.00
N ASN B 193 33.41 -21.35 -3.09
CA ASN B 193 32.46 -21.88 -2.12
C ASN B 193 31.05 -21.60 -2.60
N LEU B 194 30.18 -22.61 -2.53
CA LEU B 194 28.79 -22.46 -2.89
C LEU B 194 28.00 -21.90 -1.71
N GLN B 202 23.78 -8.05 2.43
CA GLN B 202 23.23 -6.95 3.19
C GLN B 202 21.80 -7.25 3.60
N ALA B 203 21.43 -6.77 4.80
CA ALA B 203 20.05 -6.82 5.26
C ALA B 203 19.15 -6.04 4.30
N HIS B 204 17.95 -6.57 4.08
CA HIS B 204 17.03 -5.98 3.12
C HIS B 204 15.59 -6.35 3.45
N THR B 205 14.67 -5.54 2.93
CA THR B 205 13.26 -5.92 2.82
C THR B 205 13.08 -6.58 1.45
N ASP B 206 12.20 -7.57 1.37
CA ASP B 206 11.94 -8.24 0.09
C ASP B 206 10.96 -7.46 -0.77
N ASN B 207 11.18 -7.54 -2.07
CA ASN B 207 10.22 -7.11 -3.08
C ASN B 207 9.77 -5.65 -2.96
N PRO B 208 10.72 -4.71 -2.79
CA PRO B 208 10.34 -3.28 -2.85
C PRO B 208 9.85 -2.85 -4.24
N TYR B 209 10.14 -3.68 -5.24
CA TYR B 209 9.62 -3.55 -6.61
C TYR B 209 8.17 -4.01 -6.81
N ARG B 210 7.54 -4.60 -5.78
CA ARG B 210 6.13 -4.90 -5.79
C ARG B 210 5.37 -3.80 -5.08
N ASP B 211 4.24 -3.40 -5.66
CA ASP B 211 3.35 -2.42 -5.06
C ASP B 211 1.91 -2.94 -5.23
N PRO B 212 1.23 -3.34 -4.15
CA PRO B 212 1.69 -3.25 -2.77
C PRO B 212 2.74 -4.29 -2.39
N VAL B 213 3.73 -3.86 -1.62
CA VAL B 213 4.75 -4.76 -1.08
C VAL B 213 4.09 -5.90 -0.27
N PRO B 214 4.54 -7.15 -0.47
CA PRO B 214 4.06 -8.20 0.43
C PRO B 214 4.45 -7.85 1.87
N SER B 215 3.48 -7.83 2.77
CA SER B 215 3.67 -7.18 4.05
C SER B 215 4.22 -8.08 5.16
N LEU B 216 4.14 -9.40 4.99
CA LEU B 216 4.80 -10.37 5.88
C LEU B 216 5.62 -11.33 5.04
N GLN B 217 6.73 -11.82 5.62
CA GLN B 217 7.51 -12.91 5.03
C GLN B 217 7.75 -13.99 6.06
N ILE B 218 7.62 -15.25 5.63
CA ILE B 218 7.86 -16.42 6.48
C ILE B 218 9.04 -17.17 5.88
N LEU B 219 10.01 -17.54 6.72
CA LEU B 219 11.12 -18.43 6.33
C LEU B 219 11.12 -19.63 7.27
N TYR B 220 11.14 -20.83 6.69
CA TYR B 220 10.89 -22.08 7.40
C TYR B 220 12.00 -23.10 7.08
N CYS B 221 12.67 -23.61 8.11
CA CYS B 221 13.78 -24.55 7.91
C CYS B 221 13.30 -26.01 7.88
N LEU B 222 13.67 -26.72 6.82
CA LEU B 222 13.45 -28.17 6.72
C LEU B 222 14.73 -28.97 6.96
N GLU B 223 15.87 -28.46 6.48
CA GLU B 223 17.17 -29.14 6.65
C GLU B 223 18.28 -28.11 6.85
N ASN B 224 19.21 -28.44 7.74
CA ASN B 224 20.39 -27.59 7.97
C ASN B 224 21.55 -28.43 8.51
N SER B 225 22.55 -28.64 7.66
CA SER B 225 23.79 -29.32 8.05
C SER B 225 25.03 -28.43 7.89
N ALA B 226 24.84 -27.16 7.57
CA ALA B 226 25.94 -26.21 7.38
C ALA B 226 26.16 -25.40 8.65
N GLU B 227 27.43 -25.16 8.99
CA GLU B 227 27.79 -24.35 10.17
C GLU B 227 27.66 -22.87 9.83
N GLY B 228 27.28 -22.07 10.82
CA GLY B 228 27.10 -20.64 10.65
C GLY B 228 25.88 -20.32 9.81
N GLY B 229 25.85 -19.13 9.24
CA GLY B 229 24.71 -18.69 8.44
C GLY B 229 23.46 -18.42 9.28
N ASP B 230 23.65 -17.89 10.50
CA ASP B 230 22.55 -17.49 11.37
C ASP B 230 21.69 -16.44 10.66
N SER B 231 20.38 -16.54 10.83
CA SER B 231 19.47 -15.51 10.32
C SER B 231 19.69 -14.23 11.12
N ILE B 232 19.60 -13.08 10.45
CA ILE B 232 19.72 -11.78 11.10
C ILE B 232 18.48 -10.97 10.77
N VAL B 233 17.97 -10.23 11.75
CA VAL B 233 16.94 -9.23 11.51
C VAL B 233 17.40 -7.87 12.02
N VAL B 234 17.04 -6.82 11.28
CA VAL B 234 17.39 -5.44 11.60
C VAL B 234 16.11 -4.61 11.54
N ASP B 235 15.91 -3.77 12.55
CA ASP B 235 14.72 -2.95 12.64
C ASP B 235 14.89 -1.69 11.78
N GLY B 236 14.24 -1.68 10.62
CA GLY B 236 14.24 -0.50 9.75
C GLY B 236 13.80 0.77 10.45
N PHE B 237 12.83 0.65 11.36
CA PHE B 237 12.37 1.82 12.14
C PHE B 237 13.45 2.35 13.08
N ARG B 238 14.26 1.47 13.65
CA ARG B 238 15.38 1.90 14.51
C ARG B 238 16.45 2.58 13.66
N ALA B 239 16.79 1.99 12.51
CA ALA B 239 17.75 2.62 11.59
C ALA B 239 17.28 4.01 11.17
N ALA B 240 15.99 4.13 10.83
CA ALA B 240 15.42 5.41 10.44
C ALA B 240 15.37 6.42 11.60
N GLU B 241 15.05 5.95 12.80
CA GLU B 241 15.08 6.79 14.02
C GLU B 241 16.45 7.38 14.29
N ARG B 242 17.48 6.57 14.16
CA ARG B 242 18.86 7.01 14.36
C ARG B 242 19.23 8.10 13.37
N LEU B 243 18.85 7.92 12.10
CA LEU B 243 19.08 8.95 11.08
C LEU B 243 18.33 10.25 11.39
N ARG B 244 17.07 10.13 11.78
CA ARG B 244 16.21 11.27 12.14
C ARG B 244 16.82 12.09 13.29
N ASP B 245 17.27 11.40 14.34
CA ASP B 245 17.82 12.05 15.53
C ASP B 245 19.17 12.72 15.27
N GLU B 246 19.99 12.07 14.44
CA GLU B 246 21.31 12.59 14.05
C GLU B 246 21.23 13.66 12.95
N ASP B 247 20.36 13.43 11.97
CA ASP B 247 20.36 14.15 10.69
C ASP B 247 18.92 14.31 10.18
N PRO B 248 18.15 15.23 10.80
CA PRO B 248 16.74 15.40 10.39
C PRO B 248 16.55 15.81 8.92
N GLU B 249 17.46 16.61 8.36
CA GLU B 249 17.40 16.96 6.93
C GLU B 249 17.61 15.75 6.02
N GLY B 250 18.52 14.87 6.40
CA GLY B 250 18.78 13.63 5.66
C GLY B 250 17.59 12.70 5.71
N PHE B 251 17.03 12.53 6.89
CA PHE B 251 15.78 11.77 7.07
C PHE B 251 14.68 12.32 6.17
N ALA B 252 14.49 13.63 6.20
CA ALA B 252 13.49 14.30 5.37
C ALA B 252 13.69 14.05 3.88
N LEU B 253 14.95 14.00 3.44
CA LEU B 253 15.23 13.69 2.03
C LEU B 253 14.79 12.27 1.64
N LEU B 254 15.09 11.28 2.48
CA LEU B 254 14.72 9.90 2.20
C LEU B 254 13.22 9.66 2.33
N ALA B 255 12.55 10.40 3.20
CA ALA B 255 11.09 10.33 3.33
C ALA B 255 10.36 11.17 2.27
N GLY B 256 11.00 12.24 1.79
CA GLY B 256 10.35 13.22 0.92
C GLY B 256 10.47 13.03 -0.58
N ASN B 257 11.19 12.00 -1.02
CA ASN B 257 11.41 11.75 -2.44
C ASN B 257 11.32 10.26 -2.72
N PRO B 258 10.58 9.85 -3.76
CA PRO B 258 10.52 8.41 -4.04
C PRO B 258 11.83 7.90 -4.63
N ALA B 259 12.14 6.66 -4.31
CA ALA B 259 13.17 5.91 -5.01
C ALA B 259 12.48 5.05 -6.06
N ARG B 260 13.28 4.30 -6.82
CA ARG B 260 12.78 3.39 -7.83
C ARG B 260 13.36 2.02 -7.56
N PHE B 261 12.54 1.00 -7.72
CA PHE B 261 12.96 -0.38 -7.57
C PHE B 261 12.53 -1.18 -8.78
N GLU B 262 13.36 -2.14 -9.19
CA GLU B 262 13.08 -2.93 -10.38
C GLU B 262 13.71 -4.32 -10.27
N TYR B 263 12.92 -5.33 -10.63
CA TYR B 263 13.42 -6.68 -10.84
C TYR B 263 13.06 -7.05 -12.27
N LYS B 264 14.08 -7.27 -13.10
CA LYS B 264 13.89 -7.58 -14.53
C LYS B 264 14.72 -8.81 -14.85
N GLY B 265 14.28 -9.96 -14.35
CA GLY B 265 15.02 -11.22 -14.49
C GLY B 265 14.85 -11.90 -15.83
N SER B 266 15.69 -12.92 -16.05
CA SER B 266 15.55 -13.82 -17.21
C SER B 266 14.45 -14.88 -17.00
N ASP B 267 13.88 -14.92 -15.79
CA ASP B 267 12.79 -15.85 -15.42
C ASP B 267 11.37 -15.39 -15.80
N GLY B 268 11.25 -14.34 -16.62
CA GLY B 268 9.95 -13.86 -17.10
C GLY B 268 9.12 -13.09 -16.09
N VAL B 269 9.78 -12.42 -15.17
CA VAL B 269 9.10 -11.52 -14.24
C VAL B 269 9.79 -10.17 -14.36
N HIS B 270 8.99 -9.14 -14.63
CA HIS B 270 9.49 -7.78 -14.72
C HIS B 270 8.60 -6.89 -13.87
N LEU B 271 9.10 -6.51 -12.70
CA LEU B 271 8.34 -5.76 -11.71
C LEU B 271 9.06 -4.45 -11.40
N ARG B 272 8.29 -3.36 -11.30
CA ARG B 272 8.82 -2.05 -10.93
C ARG B 272 7.90 -1.33 -9.96
N ALA B 273 8.49 -0.52 -9.09
CA ALA B 273 7.74 0.34 -8.17
C ALA B 273 8.44 1.67 -7.93
N ARG B 274 7.63 2.67 -7.56
CA ARG B 274 8.08 4.03 -7.31
C ARG B 274 7.61 4.40 -5.89
N ARG B 275 8.50 4.25 -4.92
CA ARG B 275 8.18 4.44 -3.50
C ARG B 275 9.40 4.96 -2.73
N PRO B 276 9.19 5.75 -1.68
CA PRO B 276 10.34 6.21 -0.89
C PRO B 276 10.91 5.10 -0.02
N MET B 277 12.18 5.25 0.37
CA MET B 277 12.82 4.29 1.27
C MET B 277 12.27 4.38 2.69
N ILE B 278 11.85 5.58 3.09
CA ILE B 278 11.11 5.78 4.33
C ILE B 278 9.76 6.35 3.95
N GLU B 279 8.69 5.65 4.31
CA GLU B 279 7.33 6.07 3.98
C GLU B 279 6.66 6.59 5.23
N LEU B 280 6.14 7.82 5.15
CA LEU B 280 5.39 8.44 6.22
C LEU B 280 3.91 8.52 5.84
N SER B 281 3.06 8.49 6.87
CA SER B 281 1.65 8.85 6.72
C SER B 281 1.60 10.35 6.44
N PRO B 282 0.47 10.86 5.94
CA PRO B 282 0.41 12.31 5.66
C PRO B 282 0.62 13.24 6.87
N ASP B 283 0.34 12.73 8.07
CA ASP B 283 0.57 13.47 9.32
C ASP B 283 1.88 13.10 10.05
N GLY B 284 2.80 12.45 9.33
CA GLY B 284 4.19 12.30 9.79
C GLY B 284 4.60 11.00 10.47
N GLU B 285 3.67 10.08 10.67
CA GLU B 285 3.99 8.81 11.32
C GLU B 285 4.74 7.91 10.34
N MET B 286 5.83 7.32 10.80
CA MET B 286 6.61 6.38 9.97
C MET B 286 5.81 5.10 9.81
N ILE B 287 5.51 4.71 8.57
CA ILE B 287 4.68 3.52 8.32
C ILE B 287 5.36 2.38 7.57
N ALA B 288 6.40 2.66 6.79
CA ALA B 288 7.11 1.60 6.07
C ALA B 288 8.54 1.94 5.71
N ILE B 289 9.35 0.90 5.55
CA ILE B 289 10.74 0.99 5.10
C ILE B 289 10.87 0.08 3.89
N ARG B 290 11.54 0.58 2.85
CA ARG B 290 11.93 -0.23 1.69
C ARG B 290 13.42 -0.04 1.48
N PHE B 291 14.18 -1.14 1.60
CA PHE B 291 15.63 -1.07 1.47
C PHE B 291 16.17 -2.38 0.92
N ASN B 292 16.72 -2.32 -0.29
CA ASN B 292 17.21 -3.51 -0.99
C ASN B 292 18.22 -3.08 -2.04
N ASN B 293 19.50 -3.38 -1.80
CA ASN B 293 20.56 -2.96 -2.71
C ASN B 293 20.46 -3.61 -4.09
N ARG B 294 20.01 -4.87 -4.15
CA ARG B 294 20.02 -5.61 -5.41
C ARG B 294 18.98 -5.13 -6.42
N SER B 295 17.84 -4.62 -5.94
CA SER B 295 16.76 -4.19 -6.85
C SER B 295 16.53 -2.68 -6.90
N SER B 296 17.44 -1.89 -6.31
CA SER B 296 17.39 -0.45 -6.51
C SER B 296 17.65 -0.13 -7.97
N ALA B 297 16.86 0.79 -8.51
CA ALA B 297 16.86 1.15 -9.92
C ALA B 297 17.20 2.64 -10.03
N PRO B 298 17.43 3.15 -11.27
CA PRO B 298 17.84 4.55 -11.40
C PRO B 298 16.87 5.54 -10.74
N PHE B 299 17.36 6.38 -9.84
CA PHE B 299 16.52 7.37 -9.15
C PHE B 299 16.30 8.56 -10.08
N VAL B 300 15.15 8.58 -10.76
CA VAL B 300 14.83 9.59 -11.77
C VAL B 300 13.94 10.72 -11.24
N ASP B 301 13.44 10.58 -10.01
CA ASP B 301 12.41 11.47 -9.49
C ASP B 301 12.93 12.54 -8.53
N ILE B 302 14.20 12.47 -8.17
CA ILE B 302 14.80 13.35 -7.17
C ILE B 302 15.39 14.55 -7.92
N PRO B 303 14.99 15.80 -7.55
CA PRO B 303 15.53 16.94 -8.30
C PRO B 303 17.05 17.08 -8.19
N PHE B 304 17.69 17.59 -9.23
CA PHE B 304 19.16 17.73 -9.25
C PHE B 304 19.72 18.37 -7.99
N GLU B 305 19.12 19.49 -7.59
CA GLU B 305 19.53 20.23 -6.38
C GLU B 305 19.53 19.44 -5.05
N LYS B 306 18.78 18.33 -4.98
CA LYS B 306 18.72 17.48 -3.78
C LYS B 306 19.45 16.14 -3.90
N MET B 307 19.89 15.76 -5.10
CA MET B 307 20.42 14.41 -5.33
C MET B 307 21.66 14.07 -4.52
N GLU B 308 22.57 15.03 -4.39
CA GLU B 308 23.82 14.81 -3.67
C GLU B 308 23.54 14.53 -2.20
N ALA B 309 22.75 15.39 -1.58
CA ALA B 309 22.37 15.23 -0.18
C ALA B 309 21.50 13.99 0.04
N TYR B 310 20.67 13.65 -0.94
CA TYR B 310 19.86 12.43 -0.88
C TYR B 310 20.77 11.20 -0.80
N TYR B 311 21.78 11.16 -1.68
CA TYR B 311 22.73 10.05 -1.67
C TYR B 311 23.53 9.94 -0.37
N ALA B 312 23.89 11.08 0.22
CA ALA B 312 24.57 11.09 1.51
C ALA B 312 23.72 10.48 2.62
N ALA B 313 22.44 10.81 2.64
CA ALA B 313 21.49 10.28 3.62
C ALA B 313 21.24 8.79 3.41
N TYR B 314 21.08 8.40 2.15
CA TYR B 314 20.97 7.00 1.73
C TYR B 314 22.16 6.17 2.24
N ARG B 315 23.37 6.67 2.00
CA ARG B 315 24.60 6.04 2.52
C ARG B 315 24.56 5.89 4.03
N ARG B 316 24.16 6.95 4.73
CA ARG B 316 24.13 6.94 6.19
C ARG B 316 23.12 5.94 6.74
N LEU B 317 21.95 5.85 6.09
CA LEU B 317 20.95 4.85 6.47
C LEU B 317 21.55 3.45 6.32
N GLY B 318 22.23 3.20 5.20
CA GLY B 318 22.94 1.95 4.96
C GLY B 318 23.95 1.60 6.05
N GLU B 319 24.68 2.60 6.54
CA GLU B 319 25.62 2.41 7.64
C GLU B 319 24.94 1.96 8.93
N PHE B 320 23.78 2.54 9.24
CA PHE B 320 23.00 2.10 10.40
C PHE B 320 22.49 0.67 10.19
N ILE B 321 22.05 0.33 8.97
CA ILE B 321 21.60 -1.01 8.63
C ILE B 321 22.74 -2.04 8.68
N ASP B 322 23.94 -1.65 8.23
CA ASP B 322 25.14 -2.51 8.31
C ASP B 322 25.75 -2.66 9.72
N ASP B 323 25.36 -1.79 10.66
CA ASP B 323 25.88 -1.80 12.02
C ASP B 323 25.56 -3.13 12.73
N PRO B 324 26.59 -3.96 13.07
CA PRO B 324 26.32 -5.24 13.77
C PRO B 324 25.62 -5.10 15.13
N GLU B 325 25.71 -3.94 15.77
CA GLU B 325 24.98 -3.64 17.00
C GLU B 325 23.45 -3.54 16.81
N MET B 326 23.00 -3.46 15.56
CA MET B 326 21.56 -3.41 15.23
C MET B 326 20.94 -4.78 14.97
N GLY B 327 21.75 -5.76 14.62
CA GLY B 327 21.25 -7.08 14.22
C GLY B 327 20.91 -8.00 15.37
N VAL B 328 19.72 -8.62 15.30
CA VAL B 328 19.35 -9.72 16.19
C VAL B 328 19.57 -10.99 15.37
N SER B 329 20.42 -11.89 15.87
CA SER B 329 20.77 -13.12 15.17
C SER B 329 20.23 -14.34 15.89
N PHE B 330 19.91 -15.38 15.11
CA PHE B 330 19.43 -16.65 15.65
C PHE B 330 19.58 -17.77 14.63
N LYS B 331 19.63 -19.01 15.10
CA LYS B 331 19.70 -20.17 14.23
C LYS B 331 18.31 -20.75 13.98
N LEU B 332 18.12 -21.33 12.80
CA LEU B 332 16.91 -22.07 12.47
C LEU B 332 17.24 -23.55 12.35
N GLU B 333 16.75 -24.34 13.30
CA GLU B 333 16.82 -25.80 13.24
C GLU B 333 15.65 -26.29 12.37
N PRO B 334 15.71 -27.54 11.87
CA PRO B 334 14.58 -28.13 11.16
C PRO B 334 13.28 -28.04 11.98
N GLY B 335 12.20 -27.60 11.33
CA GLY B 335 10.93 -27.36 12.00
C GLY B 335 10.75 -25.99 12.63
N GLU B 336 11.80 -25.16 12.61
CA GLU B 336 11.71 -23.81 13.17
C GLU B 336 11.52 -22.80 12.05
N SER B 337 10.88 -21.69 12.36
CA SER B 337 10.60 -20.66 11.36
C SER B 337 10.52 -19.29 12.01
N PHE B 338 10.57 -18.25 11.19
CA PHE B 338 10.31 -16.91 11.67
C PHE B 338 9.51 -16.10 10.67
N ILE B 339 8.77 -15.13 11.20
CA ILE B 339 8.02 -14.19 10.40
C ILE B 339 8.64 -12.82 10.65
N VAL B 340 8.75 -12.04 9.58
CA VAL B 340 9.08 -10.62 9.68
C VAL B 340 7.96 -9.79 9.09
N ASP B 341 7.73 -8.64 9.69
CA ASP B 341 6.96 -7.57 9.08
C ASP B 341 7.86 -6.97 8.00
N ASN B 342 7.56 -7.33 6.75
CA ASN B 342 8.38 -6.97 5.61
C ASN B 342 8.23 -5.50 5.20
N THR B 343 7.34 -4.76 5.85
CA THR B 343 7.25 -3.30 5.69
C THR B 343 8.13 -2.54 6.69
N ARG B 344 8.84 -3.26 7.58
CA ARG B 344 9.58 -2.64 8.68
C ARG B 344 10.93 -3.29 8.97
N VAL B 345 10.91 -4.59 9.19
CA VAL B 345 12.07 -5.33 9.64
C VAL B 345 12.78 -5.93 8.42
N LEU B 346 14.08 -5.66 8.31
CA LEU B 346 14.93 -6.20 7.25
C LEU B 346 15.49 -7.53 7.71
N HIS B 347 15.88 -8.36 6.76
CA HIS B 347 16.52 -9.63 7.10
C HIS B 347 17.71 -9.95 6.21
N ALA B 348 18.57 -10.81 6.72
CA ALA B 348 19.73 -11.31 6.01
C ALA B 348 20.18 -12.58 6.72
N ARG B 349 21.36 -13.09 6.37
CA ARG B 349 22.03 -14.08 7.21
C ARG B 349 23.49 -13.71 7.37
N LEU B 350 24.11 -14.25 8.42
CA LEU B 350 25.56 -14.14 8.60
C LEU B 350 26.25 -15.08 7.60
N GLY B 351 27.57 -14.98 7.52
CA GLY B 351 28.35 -15.86 6.64
C GLY B 351 28.34 -17.29 7.15
N TYR B 352 28.41 -18.24 6.21
CA TYR B 352 28.64 -19.64 6.56
C TYR B 352 30.09 -19.82 7.03
N SER B 353 30.28 -20.64 8.07
CA SER B 353 31.60 -20.93 8.62
C SER B 353 31.99 -22.41 8.46
N GLY B 354 31.23 -23.17 7.68
CA GLY B 354 31.48 -24.60 7.49
C GLY B 354 30.59 -25.20 6.41
N SER B 355 31.04 -26.31 5.84
CA SER B 355 30.35 -26.97 4.72
C SER B 355 29.12 -27.77 5.16
N GLY B 356 28.27 -28.10 4.18
CA GLY B 356 27.00 -28.78 4.42
C GLY B 356 25.89 -28.31 3.49
N SER B 357 24.66 -28.68 3.83
CA SER B 357 23.46 -28.34 3.04
C SER B 357 22.46 -27.57 3.88
N ARG B 358 21.65 -26.74 3.21
CA ARG B 358 20.52 -26.09 3.86
C ARG B 358 19.30 -26.07 2.94
N TRP B 359 18.12 -26.25 3.52
CA TRP B 359 16.87 -26.19 2.79
C TRP B 359 15.87 -25.39 3.62
N LEU B 360 15.58 -24.17 3.15
CA LEU B 360 14.52 -23.35 3.71
C LEU B 360 13.39 -23.26 2.69
N GLN B 361 12.19 -22.95 3.19
CA GLN B 361 11.08 -22.58 2.34
C GLN B 361 10.65 -21.17 2.73
N GLY B 362 10.26 -20.39 1.73
CA GLY B 362 9.86 -19.00 1.93
C GLY B 362 8.49 -18.71 1.33
N CYS B 363 7.75 -17.81 1.96
CA CYS B 363 6.50 -17.33 1.40
C CYS B 363 6.17 -15.96 1.96
N TYR B 364 5.18 -15.32 1.36
CA TYR B 364 4.68 -14.04 1.84
C TYR B 364 3.22 -14.18 2.26
N ALA B 365 2.82 -13.34 3.21
CA ALA B 365 1.43 -13.22 3.65
C ALA B 365 1.17 -11.74 3.91
N ASP B 366 -0.05 -11.37 4.32
CA ASP B 366 -0.36 -9.96 4.52
C ASP B 366 -0.81 -9.60 5.94
N LYS B 367 -0.35 -8.44 6.41
CA LYS B 367 -0.55 -7.98 7.78
C LYS B 367 -1.99 -7.72 8.16
N ASP B 368 -2.82 -7.34 7.20
CA ASP B 368 -4.24 -7.07 7.48
C ASP B 368 -4.91 -8.28 8.12
N GLY B 369 -4.58 -9.47 7.61
CA GLY B 369 -5.13 -10.72 8.16
C GLY B 369 -4.63 -10.98 9.57
N LEU B 370 -3.34 -10.71 9.81
CA LEU B 370 -2.74 -10.88 11.13
C LEU B 370 -3.41 -9.97 12.17
N PHE B 371 -3.56 -8.69 11.83
CA PHE B 371 -4.24 -7.75 12.75
C PHE B 371 -5.71 -8.11 13.00
N SER B 372 -6.40 -8.59 11.97
CA SER B 372 -7.79 -9.03 12.14
C SER B 372 -7.86 -10.18 13.15
N THR B 373 -7.02 -11.19 12.95
CA THR B 373 -6.94 -12.34 13.84
C THR B 373 -6.58 -11.92 15.27
N LEU B 374 -5.62 -11.00 15.39
CA LEU B 374 -5.25 -10.45 16.70
C LEU B 374 -6.40 -9.70 17.37
N ASN B 375 -7.12 -8.88 16.59
CA ASN B 375 -8.30 -8.17 17.10
C ASN B 375 -9.37 -9.13 17.59
N VAL B 376 -9.62 -10.18 16.82
CA VAL B 376 -10.62 -11.19 17.18
C VAL B 376 -10.21 -11.94 18.46
N LEU B 377 -8.93 -12.29 18.56
CA LEU B 377 -8.41 -12.95 19.77
C LEU B 377 -8.50 -12.05 21.01
N ASN B 378 -8.10 -10.79 20.87
CA ASN B 378 -8.20 -9.83 21.99
C ASN B 378 -9.64 -9.66 22.49
N ALA B 379 -10.61 -9.62 21.56
CA ALA B 379 -12.03 -9.56 21.91
C ALA B 379 -12.49 -10.83 22.64
N GLN B 380 -12.08 -11.99 22.12
CA GLN B 380 -12.43 -13.29 22.71
C GLN B 380 -11.82 -13.50 24.09
N LEU B 381 -10.59 -13.01 24.29
CA LEU B 381 -9.87 -13.15 25.56
C LEU B 381 -10.16 -12.02 26.56
N GLY B 382 -10.65 -10.87 26.08
CA GLY B 382 -10.93 -9.70 26.91
C GLY B 382 -12.40 -9.32 26.86
#